data_5E0I
#
_entry.id   5E0I
#
_cell.length_a   152.600
_cell.length_b   88.170
_cell.length_c   102.250
_cell.angle_alpha   90.00
_cell.angle_beta   103.47
_cell.angle_gamma   90.00
#
_symmetry.space_group_name_H-M   'C 1 2 1'
#
loop_
_entity.id
_entity.type
_entity.pdbx_description
1 polymer 'Capsid protein'
2 non-polymer 'methyl 4-(2-bromo-4-fluorophenyl)-6-(morpholin-4-ylmethyl)-2-(1,3-thiazol-2-yl)pyrimidine-5-carboxylate'
3 water water
#
_entity_poly.entity_id   1
_entity_poly.type   'polypeptide(L)'
_entity_poly.pdbx_seq_one_letter_code
;SMDIDPYKEFGATVELLSFLPSDFFPSVRDLLDTAAALYRDALESPEHCSPHHTALRQAILCWGDLMTLATWVGTNLEDP
ASRDLVVSYVNTNVGLKFRQLLWFHISCLTFGRETVLEYLVSFGVWIRTPPAARPPNAPILSTLPETTVVKLENLYF
;
_entity_poly.pdbx_strand_id   A,B,C,D,E,F
#
# COMPACT_ATOMS: atom_id res chain seq x y z
N SER A 1 11.60 3.10 -2.51
CA SER A 1 12.29 1.76 -2.63
C SER A 1 11.36 0.69 -3.19
N MET A 2 11.95 -0.41 -3.67
CA MET A 2 11.19 -1.56 -4.09
C MET A 2 10.83 -2.28 -2.84
N ASP A 3 9.85 -3.14 -2.96
CA ASP A 3 9.43 -3.93 -1.85
C ASP A 3 9.39 -5.34 -2.34
N ILE A 4 10.53 -6.01 -2.29
CA ILE A 4 10.56 -7.38 -2.72
C ILE A 4 10.35 -8.26 -1.49
N ASP A 5 9.41 -9.21 -1.62
CA ASP A 5 9.17 -10.28 -0.64
C ASP A 5 9.89 -11.54 -1.17
N PRO A 6 10.93 -11.98 -0.48
CA PRO A 6 11.72 -13.14 -0.98
C PRO A 6 10.92 -14.46 -1.15
N TYR A 7 9.77 -14.58 -0.53
CA TYR A 7 8.95 -15.77 -0.63
C TYR A 7 7.92 -15.74 -1.74
N LYS A 8 7.65 -14.54 -2.30
CA LYS A 8 6.50 -14.29 -3.12
C LYS A 8 6.47 -15.19 -4.36
N GLU A 9 7.58 -15.26 -5.08
CA GLU A 9 7.67 -16.05 -6.32
C GLU A 9 7.57 -17.54 -6.04
N PHE A 10 7.70 -17.90 -4.78
CA PHE A 10 7.64 -19.28 -4.36
C PHE A 10 6.33 -19.62 -3.62
N GLY A 11 5.34 -18.74 -3.71
CA GLY A 11 4.01 -19.02 -3.14
C GLY A 11 3.87 -18.81 -1.66
N ALA A 12 4.76 -18.04 -1.04
CA ALA A 12 4.53 -17.68 0.35
C ALA A 12 4.80 -16.20 0.60
N THR A 13 4.87 -15.79 1.87
CA THR A 13 5.11 -14.40 2.19
C THR A 13 5.89 -14.36 3.49
N VAL A 14 6.56 -13.23 3.73
CA VAL A 14 7.22 -12.97 5.01
C VAL A 14 6.27 -13.21 6.18
N GLU A 15 5.05 -12.67 6.08
CA GLU A 15 4.15 -12.78 7.22
C GLU A 15 3.77 -14.23 7.53
N LEU A 16 3.66 -15.06 6.50
CA LEU A 16 3.33 -16.46 6.74
C LEU A 16 4.44 -17.20 7.44
N LEU A 17 5.67 -17.07 6.95
CA LEU A 17 6.79 -17.63 7.66
C LEU A 17 6.84 -17.12 9.09
N SER A 18 6.43 -15.87 9.33
CA SER A 18 6.38 -15.31 10.69
C SER A 18 5.38 -16.04 11.60
N PHE A 19 4.52 -16.88 11.03
CA PHE A 19 3.59 -17.70 11.87
C PHE A 19 4.31 -18.78 12.71
N LEU A 20 5.53 -19.11 12.33
CA LEU A 20 6.33 -20.07 13.04
C LEU A 20 7.17 -19.41 14.14
N PRO A 21 7.16 -19.98 15.37
CA PRO A 21 7.97 -19.28 16.36
C PRO A 21 9.48 -19.54 16.17
N SER A 22 10.30 -18.67 16.73
CA SER A 22 11.71 -18.69 16.42
C SER A 22 12.33 -20.05 16.76
N ASP A 23 11.94 -20.62 17.90
CA ASP A 23 12.55 -21.90 18.32
C ASP A 23 12.09 -23.15 17.51
N PHE A 24 11.12 -23.01 16.62
CA PHE A 24 10.85 -24.05 15.59
C PHE A 24 12.06 -24.34 14.66
N PHE A 25 12.90 -23.33 14.39
CA PHE A 25 13.79 -23.53 13.24
C PHE A 25 15.11 -24.06 13.71
N PRO A 26 15.70 -24.94 12.94
CA PRO A 26 17.10 -25.31 13.20
C PRO A 26 18.03 -24.07 13.17
N SER A 27 19.19 -24.21 13.79
CA SER A 27 20.22 -23.18 13.75
C SER A 27 20.69 -22.95 12.33
N VAL A 28 21.28 -21.78 12.08
CA VAL A 28 21.80 -21.51 10.75
C VAL A 28 22.85 -22.56 10.33
N ARG A 29 23.78 -22.82 11.23
CA ARG A 29 24.87 -23.79 11.00
C ARG A 29 24.30 -25.16 10.64
N ASP A 30 23.22 -25.58 11.30
CA ASP A 30 22.63 -26.90 10.99
C ASP A 30 21.89 -26.91 9.64
N LEU A 31 21.31 -25.79 9.28
CA LEU A 31 20.69 -25.67 7.96
C LEU A 31 21.75 -25.76 6.86
N LEU A 32 22.85 -25.05 7.06
CA LEU A 32 24.00 -25.00 6.08
C LEU A 32 24.55 -26.40 5.92
N ASP A 33 24.72 -27.09 7.03
CA ASP A 33 25.21 -28.44 6.99
C ASP A 33 24.20 -29.38 6.32
N THR A 34 22.91 -29.16 6.50
CA THR A 34 21.89 -29.99 5.82
C THR A 34 21.80 -29.71 4.30
N ALA A 35 21.96 -28.44 3.92
CA ALA A 35 22.02 -28.06 2.51
C ALA A 35 23.15 -28.82 1.81
N ALA A 36 24.30 -28.78 2.47
CA ALA A 36 25.48 -29.45 1.93
C ALA A 36 25.21 -30.97 1.77
N ALA A 37 24.63 -31.59 2.79
CA ALA A 37 24.60 -33.04 2.85
C ALA A 37 23.60 -33.55 1.81
N LEU A 38 22.50 -32.83 1.62
CA LEU A 38 21.52 -33.19 0.62
C LEU A 38 21.76 -32.64 -0.78
N TYR A 39 22.30 -31.42 -0.90
CA TYR A 39 22.25 -30.70 -2.19
C TYR A 39 23.58 -30.08 -2.61
N ARG A 40 24.67 -30.33 -1.89
CA ARG A 40 25.98 -29.71 -2.25
C ARG A 40 26.22 -29.76 -3.74
N ASP A 41 26.07 -30.94 -4.35
N ASP A 41 26.10 -30.97 -4.25
CA ASP A 41 26.39 -31.10 -5.77
CA ASP A 41 26.21 -31.32 -5.65
C ASP A 41 25.56 -30.23 -6.70
C ASP A 41 25.55 -30.32 -6.63
N ALA A 42 24.24 -30.21 -6.50
CA ALA A 42 23.39 -29.38 -7.32
C ALA A 42 23.70 -27.91 -7.03
N LEU A 43 23.97 -27.60 -5.77
CA LEU A 43 24.23 -26.20 -5.39
C LEU A 43 25.45 -25.64 -6.05
N GLU A 44 26.48 -26.46 -6.19
CA GLU A 44 27.76 -26.06 -6.83
C GLU A 44 27.79 -26.29 -8.35
N SER A 45 26.69 -26.80 -8.86
CA SER A 45 26.53 -27.09 -10.27
C SER A 45 26.54 -25.85 -11.19
N PRO A 46 26.96 -26.05 -12.46
CA PRO A 46 26.75 -24.98 -13.47
C PRO A 46 25.30 -24.84 -13.98
N GLU A 47 24.37 -25.70 -13.54
CA GLU A 47 22.98 -25.64 -13.98
C GLU A 47 22.14 -24.91 -12.96
N HIS A 48 21.18 -24.14 -13.44
CA HIS A 48 20.24 -23.48 -12.57
C HIS A 48 19.59 -24.49 -11.63
N CYS A 49 19.21 -25.64 -12.19
CA CYS A 49 18.52 -26.72 -11.47
C CYS A 49 17.07 -26.39 -11.17
N SER A 50 16.81 -25.38 -10.33
CA SER A 50 15.44 -24.92 -10.07
C SER A 50 15.48 -23.52 -9.50
N PRO A 51 14.37 -22.78 -9.56
CA PRO A 51 14.36 -21.47 -8.92
C PRO A 51 14.68 -21.49 -7.44
N HIS A 52 14.33 -22.57 -6.76
CA HIS A 52 14.68 -22.73 -5.38
C HIS A 52 16.17 -22.85 -5.18
N HIS A 53 16.86 -23.54 -6.09
CA HIS A 53 18.29 -23.74 -5.94
C HIS A 53 19.00 -22.40 -6.14
N THR A 54 18.59 -21.64 -7.14
CA THR A 54 19.15 -20.29 -7.37
C THR A 54 19.05 -19.39 -6.10
N ALA A 55 17.87 -19.30 -5.53
CA ALA A 55 17.65 -18.47 -4.36
C ALA A 55 18.42 -19.02 -3.15
N LEU A 56 18.40 -20.35 -2.94
CA LEU A 56 19.15 -20.98 -1.84
C LEU A 56 20.62 -20.66 -1.97
N ARG A 57 21.17 -20.77 -3.19
CA ARG A 57 22.59 -20.41 -3.43
C ARG A 57 22.87 -18.99 -2.96
N GLN A 58 21.98 -18.03 -3.27
CA GLN A 58 22.22 -16.66 -2.81
C GLN A 58 22.11 -16.50 -1.28
N ALA A 59 21.15 -17.16 -0.66
CA ALA A 59 20.94 -16.98 0.76
C ALA A 59 22.15 -17.54 1.51
N ILE A 60 22.63 -18.69 1.06
CA ILE A 60 23.83 -19.26 1.61
C ILE A 60 24.98 -18.26 1.51
N LEU A 61 25.24 -17.71 0.33
CA LEU A 61 26.30 -16.65 0.18
C LEU A 61 26.07 -15.35 0.99
N CYS A 62 24.82 -14.92 1.16
CA CYS A 62 24.54 -13.71 1.92
C CYS A 62 24.94 -13.95 3.36
N TRP A 63 24.60 -15.13 3.87
CA TRP A 63 24.96 -15.49 5.23
C TRP A 63 26.45 -15.50 5.32
N GLY A 64 27.10 -16.07 4.30
CA GLY A 64 28.57 -16.06 4.23
C GLY A 64 29.15 -14.66 4.42
N ASP A 65 28.57 -13.65 3.76
CA ASP A 65 29.05 -12.26 3.91
C ASP A 65 28.81 -11.71 5.32
N LEU A 66 27.70 -12.08 5.92
CA LEU A 66 27.42 -11.69 7.30
C LEU A 66 28.40 -12.35 8.28
N MET A 67 28.72 -13.62 8.08
CA MET A 67 29.77 -14.27 8.90
C MET A 67 31.16 -13.69 8.73
N THR A 68 31.52 -13.34 7.51
CA THR A 68 32.78 -12.73 7.26
C THR A 68 32.85 -11.42 8.01
N LEU A 69 31.74 -10.67 7.97
CA LEU A 69 31.64 -9.42 8.68
C LEU A 69 31.79 -9.59 10.19
N ALA A 70 31.05 -10.53 10.78
CA ALA A 70 31.18 -10.84 12.21
C ALA A 70 32.64 -11.10 12.58
N THR A 71 33.30 -11.97 11.84
CA THR A 71 34.74 -12.27 12.03
C THR A 71 35.65 -11.06 11.84
N TRP A 72 35.36 -10.22 10.85
CA TRP A 72 36.15 -9.00 10.63
C TRP A 72 36.12 -8.12 11.87
N VAL A 73 34.92 -7.99 12.42
CA VAL A 73 34.68 -7.26 13.64
C VAL A 73 35.57 -7.81 14.76
N GLY A 74 35.65 -9.13 14.88
CA GLY A 74 36.56 -9.79 15.80
C GLY A 74 37.98 -9.27 15.80
N THR A 75 38.55 -9.12 14.60
CA THR A 75 39.93 -8.66 14.44
C THR A 75 40.07 -7.13 14.48
N ASN A 76 39.14 -6.43 13.82
CA ASN A 76 39.28 -5.00 13.52
C ASN A 76 38.63 -4.02 14.49
N LEU A 77 37.79 -4.49 15.42
CA LEU A 77 37.29 -3.59 16.45
C LEU A 77 38.03 -3.76 17.77
N GLU A 78 38.39 -2.63 18.38
CA GLU A 78 39.07 -2.60 19.69
C GLU A 78 38.12 -2.85 20.88
N ASP A 79 37.01 -2.09 20.95
CA ASP A 79 36.12 -2.10 22.12
C ASP A 79 35.28 -3.39 22.22
N PRO A 80 35.59 -4.24 23.23
CA PRO A 80 34.97 -5.53 23.56
C PRO A 80 33.44 -5.52 23.46
N ALA A 81 32.83 -4.46 23.99
CA ALA A 81 31.35 -4.36 23.99
C ALA A 81 30.77 -4.10 22.59
N SER A 82 31.45 -3.26 21.81
CA SER A 82 31.00 -2.91 20.47
C SER A 82 31.09 -4.13 19.56
N ARG A 83 32.27 -4.73 19.51
CA ARG A 83 32.47 -6.04 18.89
C ARG A 83 31.32 -7.00 19.21
N ASP A 84 31.06 -7.24 20.50
CA ASP A 84 30.09 -8.26 20.92
C ASP A 84 28.66 -7.91 20.54
N LEU A 85 28.28 -6.65 20.70
CA LEU A 85 26.94 -6.21 20.25
C LEU A 85 26.75 -6.45 18.74
N VAL A 86 27.77 -6.15 17.93
CA VAL A 86 27.69 -6.43 16.47
C VAL A 86 27.59 -7.93 16.16
N VAL A 87 28.43 -8.73 16.80
CA VAL A 87 28.39 -10.20 16.65
C VAL A 87 27.02 -10.80 17.05
N SER A 88 26.47 -10.45 18.23
CA SER A 88 25.14 -10.99 18.61
C SER A 88 24.02 -10.50 17.69
N TYR A 89 24.08 -9.27 17.21
CA TYR A 89 23.08 -8.78 16.23
C TYR A 89 23.04 -9.69 15.00
N VAL A 90 24.20 -9.99 14.44
CA VAL A 90 24.29 -10.88 13.27
C VAL A 90 23.71 -12.24 13.63
N ASN A 91 24.24 -12.86 14.68
CA ASN A 91 23.87 -14.24 15.04
C ASN A 91 22.42 -14.38 15.44
N THR A 92 21.90 -13.43 16.20
CA THR A 92 20.58 -13.58 16.78
C THR A 92 19.50 -12.99 15.89
N ASN A 93 19.52 -11.67 15.71
CA ASN A 93 18.49 -10.95 14.90
C ASN A 93 18.50 -11.28 13.42
N VAL A 94 19.65 -11.10 12.80
CA VAL A 94 19.80 -11.42 11.38
C VAL A 94 19.70 -12.93 11.20
N GLY A 95 20.25 -13.67 12.15
CA GLY A 95 20.16 -15.12 12.15
C GLY A 95 18.73 -15.63 12.03
N LEU A 96 17.77 -14.98 12.70
CA LEU A 96 16.38 -15.48 12.61
C LEU A 96 15.86 -15.42 11.22
N LYS A 97 16.12 -14.32 10.52
CA LYS A 97 15.63 -14.21 9.16
C LYS A 97 16.27 -15.23 8.21
N PHE A 98 17.54 -15.53 8.39
CA PHE A 98 18.15 -16.56 7.59
C PHE A 98 17.76 -17.98 7.97
N ARG A 99 17.50 -18.24 9.25
CA ARG A 99 16.94 -19.53 9.58
C ARG A 99 15.61 -19.74 8.85
N GLN A 100 14.72 -18.73 8.81
CA GLN A 100 13.49 -18.85 8.11
C GLN A 100 13.74 -19.16 6.63
N LEU A 101 14.58 -18.37 6.00
CA LEU A 101 14.76 -18.47 4.55
C LEU A 101 15.44 -19.75 4.10
N LEU A 102 16.50 -20.12 4.82
CA LEU A 102 17.21 -21.38 4.48
C LEU A 102 16.33 -22.62 4.73
N TRP A 103 15.68 -22.64 5.89
CA TRP A 103 14.70 -23.70 6.12
C TRP A 103 13.67 -23.76 5.02
N PHE A 104 13.03 -22.72 4.71
CA PHE A 104 12.05 -22.68 3.69
C PHE A 104 12.53 -23.31 2.39
N HIS A 105 13.71 -22.92 1.88
CA HIS A 105 14.13 -23.44 0.63
C HIS A 105 14.56 -24.88 0.67
N ILE A 106 15.26 -25.24 1.74
CA ILE A 106 15.78 -26.62 1.80
C ILE A 106 14.61 -27.59 1.98
N SER A 107 13.61 -27.14 2.73
CA SER A 107 12.41 -27.93 2.97
C SER A 107 11.61 -28.05 1.72
N CYS A 108 11.55 -26.98 0.94
CA CYS A 108 10.78 -27.04 -0.29
C CYS A 108 11.43 -27.95 -1.30
N LEU A 109 12.75 -27.99 -1.30
CA LEU A 109 13.46 -28.87 -2.22
C LEU A 109 13.23 -30.29 -1.81
N THR A 110 12.99 -30.53 -0.52
CA THR A 110 12.85 -31.92 -0.05
C THR A 110 11.41 -32.47 -0.14
N PHE A 111 10.45 -31.71 0.40
CA PHE A 111 9.07 -32.14 0.45
C PHE A 111 8.16 -31.48 -0.57
N GLY A 112 8.64 -30.44 -1.25
CA GLY A 112 7.77 -29.66 -2.17
C GLY A 112 7.05 -28.55 -1.42
N ARG A 113 6.78 -27.46 -2.13
CA ARG A 113 6.06 -26.30 -1.60
C ARG A 113 4.71 -26.62 -0.88
N GLU A 114 3.83 -27.33 -1.54
CA GLU A 114 2.52 -27.63 -0.91
C GLU A 114 2.65 -28.30 0.47
N THR A 115 3.46 -29.34 0.57
CA THR A 115 3.68 -29.97 1.86
C THR A 115 4.27 -29.01 2.90
N VAL A 116 5.24 -28.21 2.46
CA VAL A 116 5.89 -27.25 3.35
C VAL A 116 4.90 -26.23 3.87
N LEU A 117 4.09 -25.63 3.00
CA LEU A 117 3.09 -24.65 3.46
C LEU A 117 2.04 -25.27 4.40
N GLU A 118 1.66 -26.52 4.13
CA GLU A 118 0.66 -27.21 4.96
C GLU A 118 1.26 -27.37 6.31
N TYR A 119 2.51 -27.85 6.37
CA TYR A 119 3.24 -28.06 7.64
C TYR A 119 3.39 -26.79 8.47
N LEU A 120 3.66 -25.70 7.77
CA LEU A 120 3.86 -24.41 8.39
C LEU A 120 2.60 -24.08 9.19
N VAL A 121 1.48 -24.15 8.53
CA VAL A 121 0.20 -23.93 9.24
C VAL A 121 -0.03 -24.96 10.37
N SER A 122 0.14 -26.27 10.13
CA SER A 122 -0.10 -27.30 11.22
C SER A 122 0.73 -27.07 12.45
N PHE A 123 2.03 -26.81 12.27
CA PHE A 123 2.87 -26.55 13.46
C PHE A 123 2.46 -25.28 14.17
N GLY A 124 2.24 -24.21 13.39
CA GLY A 124 1.85 -22.93 13.96
C GLY A 124 0.55 -22.99 14.77
N VAL A 125 -0.39 -23.80 14.31
CA VAL A 125 -1.61 -24.05 15.09
C VAL A 125 -1.35 -24.90 16.33
N TRP A 126 -0.61 -25.99 16.16
CA TRP A 126 -0.24 -26.86 17.27
C TRP A 126 0.47 -26.14 18.46
N ILE A 127 1.47 -25.31 18.14
CA ILE A 127 2.29 -24.71 19.16
C ILE A 127 1.49 -23.63 19.92
N ARG A 128 0.45 -23.11 19.29
CA ARG A 128 -0.47 -22.14 19.91
C ARG A 128 -1.63 -22.77 20.70
N THR A 129 -1.79 -24.08 20.62
CA THR A 129 -2.78 -24.78 21.41
C THR A 129 -2.20 -24.98 22.81
N PRO A 130 -2.99 -24.77 23.87
CA PRO A 130 -2.41 -24.93 25.20
C PRO A 130 -1.82 -26.33 25.35
N PRO A 131 -0.59 -26.42 25.92
CA PRO A 131 0.07 -27.74 25.92
C PRO A 131 -0.71 -28.86 26.60
N ALA A 132 -1.34 -28.56 27.72
CA ALA A 132 -2.17 -29.59 28.38
C ALA A 132 -3.36 -30.10 27.53
N ALA A 133 -3.76 -29.35 26.50
CA ALA A 133 -4.91 -29.67 25.66
C ALA A 133 -4.59 -30.25 24.26
N ARG A 134 -3.31 -30.32 23.94
CA ARG A 134 -2.87 -30.70 22.60
C ARG A 134 -2.18 -32.03 22.67
N PRO A 135 -2.05 -32.74 21.54
CA PRO A 135 -1.20 -33.94 21.44
C PRO A 135 0.19 -33.72 21.96
N PRO A 136 0.78 -34.73 22.65
CA PRO A 136 2.10 -34.53 23.24
C PRO A 136 3.19 -34.22 22.20
N ASN A 137 3.05 -34.71 20.98
CA ASN A 137 4.14 -34.51 20.01
C ASN A 137 3.68 -33.59 18.88
N ALA A 138 4.65 -32.87 18.34
CA ALA A 138 4.43 -31.97 17.24
C ALA A 138 4.03 -32.76 16.00
N PRO A 139 3.33 -32.12 15.06
CA PRO A 139 3.14 -32.72 13.77
C PRO A 139 4.47 -32.98 13.06
N ILE A 140 4.47 -33.91 12.12
CA ILE A 140 5.69 -34.42 11.53
C ILE A 140 5.75 -33.98 10.10
N LEU A 141 6.87 -33.35 9.72
CA LEU A 141 7.07 -33.00 8.34
C LEU A 141 7.56 -34.23 7.57
N SER A 142 6.74 -34.69 6.62
CA SER A 142 7.14 -35.74 5.66
C SER A 142 6.13 -35.71 4.53
N THR A 143 6.41 -36.41 3.44
CA THR A 143 5.37 -36.53 2.37
C THR A 143 4.57 -37.81 2.48
N LEU A 144 4.93 -38.63 3.45
CA LEU A 144 4.51 -40.02 3.49
C LEU A 144 3.37 -40.17 4.47
N PRO A 145 2.45 -41.13 4.22
CA PRO A 145 1.30 -41.34 5.10
C PRO A 145 1.67 -41.83 6.50
N GLU A 146 0.84 -41.47 7.47
CA GLU A 146 0.82 -42.09 8.77
C GLU A 146 -0.37 -43.05 8.76
N THR A 147 -1.56 -42.54 8.39
CA THR A 147 -2.81 -43.29 8.15
C THR A 147 -3.52 -43.62 9.46
N THR A 148 -4.80 -44.05 9.33
CA THR A 148 -5.65 -44.50 10.44
C THR A 148 -5.12 -45.84 10.96
N VAL A 149 -5.34 -46.10 12.25
CA VAL A 149 -4.91 -47.35 12.89
C VAL A 149 -5.74 -48.52 12.38
N GLU A 153 -7.81 -45.58 2.07
CA GLU A 153 -7.44 -44.17 2.28
C GLU A 153 -6.24 -43.93 3.22
N ASN A 154 -5.32 -43.09 2.74
CA ASN A 154 -4.13 -42.67 3.49
C ASN A 154 -4.29 -41.31 4.20
N LEU A 155 -3.86 -41.26 5.47
CA LEU A 155 -3.89 -40.03 6.24
C LEU A 155 -2.48 -39.50 6.47
N TYR A 156 -2.34 -38.19 6.48
CA TYR A 156 -1.05 -37.53 6.67
C TYR A 156 -1.11 -36.63 7.93
N PHE A 157 -0.08 -35.81 8.14
CA PHE A 157 -0.02 -34.90 9.29
C PHE A 157 -1.15 -33.86 9.25
N SER B 1 32.70 -26.94 4.30
CA SER B 1 31.84 -25.89 3.68
C SER B 1 31.74 -26.02 2.13
N MET B 2 30.64 -25.50 1.61
CA MET B 2 30.38 -25.56 0.20
C MET B 2 31.11 -24.42 -0.42
N ASP B 3 31.39 -24.56 -1.70
CA ASP B 3 32.08 -23.53 -2.45
C ASP B 3 31.19 -23.14 -3.60
N ILE B 4 30.32 -22.19 -3.36
CA ILE B 4 29.37 -21.80 -4.36
C ILE B 4 29.90 -20.51 -4.92
N ASP B 5 30.04 -20.47 -6.26
CA ASP B 5 30.34 -19.25 -7.03
C ASP B 5 29.00 -18.74 -7.57
N PRO B 6 28.56 -17.55 -7.13
CA PRO B 6 27.26 -16.97 -7.57
C PRO B 6 27.16 -16.66 -9.07
N TYR B 7 28.29 -16.48 -9.74
CA TYR B 7 28.27 -16.29 -11.16
C TYR B 7 28.17 -17.57 -11.99
N LYS B 8 28.47 -18.73 -11.39
CA LYS B 8 28.68 -19.97 -12.11
C LYS B 8 27.49 -20.44 -12.94
N GLU B 9 26.29 -20.48 -12.35
CA GLU B 9 25.07 -20.89 -13.08
C GLU B 9 24.67 -19.88 -14.19
N PHE B 10 25.32 -18.73 -14.18
CA PHE B 10 25.09 -17.70 -15.18
C PHE B 10 26.26 -17.55 -16.13
N GLY B 11 27.17 -18.52 -16.11
CA GLY B 11 28.21 -18.63 -17.12
C GLY B 11 29.38 -17.71 -16.90
N ALA B 12 29.59 -17.27 -15.66
CA ALA B 12 30.76 -16.50 -15.34
C ALA B 12 31.41 -16.99 -14.07
N THR B 13 32.39 -16.26 -13.54
CA THR B 13 32.99 -16.60 -12.26
C THR B 13 33.39 -15.35 -11.50
N VAL B 14 33.62 -15.49 -10.20
CA VAL B 14 34.08 -14.39 -9.36
C VAL B 14 35.37 -13.80 -9.98
N GLU B 15 36.31 -14.67 -10.42
CA GLU B 15 37.60 -14.16 -10.91
C GLU B 15 37.43 -13.28 -12.16
N LEU B 16 36.47 -13.62 -13.00
CA LEU B 16 36.22 -12.87 -14.21
C LEU B 16 35.66 -11.49 -13.87
N LEU B 17 34.66 -11.41 -12.99
CA LEU B 17 34.22 -10.09 -12.56
C LEU B 17 35.37 -9.27 -11.95
N SER B 18 36.33 -9.94 -11.26
CA SER B 18 37.50 -9.22 -10.72
C SER B 18 38.41 -8.63 -11.82
N PHE B 19 38.23 -9.00 -13.09
CA PHE B 19 38.99 -8.38 -14.18
C PHE B 19 38.54 -6.93 -14.37
N LEU B 20 37.40 -6.53 -13.81
CA LEU B 20 37.00 -5.14 -13.92
C LEU B 20 37.43 -4.32 -12.72
N PRO B 21 38.04 -3.12 -12.92
CA PRO B 21 38.46 -2.47 -11.68
C PRO B 21 37.28 -1.84 -10.91
N SER B 22 37.50 -1.55 -9.63
CA SER B 22 36.37 -1.10 -8.80
C SER B 22 35.67 0.14 -9.36
N ASP B 23 36.40 1.13 -9.85
CA ASP B 23 35.71 2.37 -10.28
C ASP B 23 34.99 2.29 -11.70
N PHE B 24 35.13 1.15 -12.37
CA PHE B 24 34.22 0.78 -13.45
C PHE B 24 32.72 0.75 -12.99
N PHE B 25 32.44 0.33 -11.76
CA PHE B 25 31.05 -0.02 -11.48
C PHE B 25 30.29 1.19 -10.94
N PRO B 26 29.02 1.37 -11.34
CA PRO B 26 28.17 2.32 -10.63
C PRO B 26 28.09 1.98 -9.12
N SER B 27 27.71 2.98 -8.33
CA SER B 27 27.50 2.84 -6.93
C SER B 27 26.35 1.89 -6.68
N VAL B 28 26.26 1.35 -5.46
CA VAL B 28 25.18 0.47 -5.15
C VAL B 28 23.82 1.20 -5.29
N ARG B 29 23.77 2.40 -4.75
CA ARG B 29 22.54 3.22 -4.79
C ARG B 29 22.07 3.41 -6.23
N ASP B 30 22.99 3.75 -7.13
CA ASP B 30 22.60 3.91 -8.55
C ASP B 30 22.21 2.62 -9.26
N LEU B 31 22.90 1.52 -8.97
CA LEU B 31 22.46 0.21 -9.37
C LEU B 31 21.02 -0.13 -8.85
N LEU B 32 20.76 0.08 -7.56
CA LEU B 32 19.40 -0.19 -7.01
C LEU B 32 18.33 0.65 -7.74
N ASP B 33 18.66 1.91 -7.98
CA ASP B 33 17.72 2.84 -8.61
C ASP B 33 17.47 2.46 -10.05
N THR B 34 18.50 1.89 -10.68
CA THR B 34 18.39 1.41 -12.03
C THR B 34 17.50 0.16 -12.12
N ALA B 35 17.68 -0.80 -11.17
CA ALA B 35 16.91 -2.06 -11.14
C ALA B 35 15.43 -1.75 -11.05
N ALA B 36 15.13 -0.77 -10.21
CA ALA B 36 13.78 -0.35 -9.99
C ALA B 36 13.18 0.31 -11.25
N ALA B 37 13.95 1.20 -11.86
CA ALA B 37 13.45 1.99 -12.95
C ALA B 37 13.17 1.08 -14.14
N LEU B 38 13.99 0.07 -14.34
CA LEU B 38 13.85 -0.86 -15.47
C LEU B 38 13.07 -2.11 -15.17
N TYR B 39 13.01 -2.54 -13.91
CA TYR B 39 12.51 -3.92 -13.64
C TYR B 39 11.66 -4.06 -12.38
N ARG B 40 11.23 -2.97 -11.78
CA ARG B 40 10.47 -3.02 -10.50
C ARG B 40 9.33 -4.01 -10.58
N ASP B 41 8.48 -3.87 -11.59
N ASP B 41 8.53 -3.76 -11.59
CA ASP B 41 7.27 -4.72 -11.66
CA ASP B 41 7.39 -4.53 -12.01
C ASP B 41 7.64 -6.20 -11.82
C ASP B 41 7.64 -6.05 -11.91
N ALA B 42 8.64 -6.51 -12.64
CA ALA B 42 9.06 -7.90 -12.75
C ALA B 42 9.63 -8.39 -11.41
N LEU B 43 10.50 -7.56 -10.81
CA LEU B 43 11.13 -7.95 -9.54
C LEU B 43 10.12 -8.20 -8.42
N GLU B 44 9.08 -7.37 -8.37
CA GLU B 44 7.95 -7.51 -7.42
C GLU B 44 6.89 -8.53 -7.86
N SER B 45 7.12 -9.22 -8.96
CA SER B 45 6.15 -10.15 -9.54
C SER B 45 5.99 -11.47 -8.75
N PRO B 46 4.82 -12.12 -8.86
CA PRO B 46 4.67 -13.49 -8.37
C PRO B 46 5.34 -14.52 -9.27
N GLU B 47 5.77 -14.14 -10.46
CA GLU B 47 6.37 -15.09 -11.39
C GLU B 47 7.88 -15.05 -11.21
N HIS B 48 8.53 -16.21 -11.35
CA HIS B 48 9.98 -16.25 -11.25
C HIS B 48 10.58 -15.27 -12.27
N CYS B 49 9.99 -15.27 -13.48
CA CYS B 49 10.42 -14.48 -14.67
C CYS B 49 11.68 -15.04 -15.33
N SER B 50 12.80 -15.10 -14.61
CA SER B 50 14.00 -15.82 -15.06
C SER B 50 14.95 -16.09 -13.89
N PRO B 51 15.96 -16.95 -14.08
CA PRO B 51 16.95 -17.13 -13.00
C PRO B 51 17.70 -15.88 -12.60
N HIS B 52 17.97 -15.00 -13.56
CA HIS B 52 18.59 -13.75 -13.24
C HIS B 52 17.72 -12.86 -12.32
N HIS B 53 16.42 -12.86 -12.58
CA HIS B 53 15.48 -12.14 -11.72
C HIS B 53 15.52 -12.71 -10.33
N THR B 54 15.45 -14.02 -10.18
CA THR B 54 15.51 -14.65 -8.85
C THR B 54 16.81 -14.25 -8.07
N ALA B 55 17.93 -14.33 -8.76
CA ALA B 55 19.21 -14.02 -8.16
C ALA B 55 19.26 -12.56 -7.84
N LEU B 56 18.78 -11.69 -8.76
CA LEU B 56 18.77 -10.26 -8.53
C LEU B 56 17.96 -9.88 -7.30
N ARG B 57 16.77 -10.50 -7.14
CA ARG B 57 15.90 -10.30 -5.98
C ARG B 57 16.62 -10.58 -4.72
N GLN B 58 17.33 -11.71 -4.66
CA GLN B 58 18.09 -12.00 -3.48
C GLN B 58 19.18 -10.98 -3.19
N ALA B 59 19.88 -10.53 -4.21
CA ALA B 59 21.03 -9.65 -4.01
C ALA B 59 20.52 -8.29 -3.49
N ILE B 60 19.38 -7.84 -3.99
CA ILE B 60 18.83 -6.60 -3.54
C ILE B 60 18.44 -6.72 -2.08
N LEU B 61 17.80 -7.82 -1.70
CA LEU B 61 17.50 -8.04 -0.25
C LEU B 61 18.70 -8.23 0.68
N CYS B 62 19.77 -8.88 0.21
CA CYS B 62 20.97 -9.08 1.03
C CYS B 62 21.60 -7.73 1.30
N TRP B 63 21.63 -6.91 0.26
CA TRP B 63 22.17 -5.55 0.43
C TRP B 63 21.35 -4.82 1.47
N GLY B 64 20.01 -4.91 1.38
CA GLY B 64 19.09 -4.32 2.36
C GLY B 64 19.37 -4.74 3.81
N ASP B 65 19.72 -6.02 4.02
CA ASP B 65 20.15 -6.49 5.34
C ASP B 65 21.45 -5.81 5.81
N LEU B 66 22.40 -5.67 4.90
CA LEU B 66 23.64 -4.98 5.22
C LEU B 66 23.35 -3.50 5.56
N MET B 67 22.42 -2.88 4.84
CA MET B 67 22.02 -1.51 5.15
C MET B 67 21.32 -1.36 6.48
N THR B 68 20.37 -2.25 6.75
CA THR B 68 19.74 -2.29 8.04
C THR B 68 20.79 -2.43 9.14
N LEU B 69 21.77 -3.30 8.90
CA LEU B 69 22.84 -3.52 9.87
C LEU B 69 23.66 -2.24 10.13
N ALA B 70 24.08 -1.56 9.06
CA ALA B 70 24.84 -0.31 9.19
C ALA B 70 24.05 0.78 9.94
N THR B 71 22.76 0.91 9.63
CA THR B 71 21.84 1.79 10.39
C THR B 71 21.67 1.40 11.87
N TRP B 72 21.54 0.10 12.12
CA TRP B 72 21.41 -0.40 13.48
C TRP B 72 22.61 -0.04 14.36
N VAL B 73 23.79 -0.27 13.80
CA VAL B 73 25.09 0.09 14.37
C VAL B 73 25.14 1.60 14.66
N GLY B 74 24.76 2.39 13.66
CA GLY B 74 24.58 3.82 13.83
C GLY B 74 23.81 4.17 15.08
N THR B 75 22.69 3.48 15.27
CA THR B 75 21.77 3.72 16.39
C THR B 75 22.27 3.11 17.71
N ASN B 76 22.64 1.83 17.66
CA ASN B 76 22.87 1.04 18.87
C ASN B 76 24.33 0.94 19.32
N LEU B 77 25.27 1.44 18.52
CA LEU B 77 26.67 1.36 18.95
C LEU B 77 27.13 2.69 19.55
N GLU B 78 27.63 2.64 20.79
CA GLU B 78 27.94 3.84 21.57
C GLU B 78 29.28 4.42 21.21
N ASP B 79 30.20 3.62 20.68
CA ASP B 79 31.51 4.12 20.31
C ASP B 79 31.49 4.68 18.88
N PRO B 80 31.96 5.94 18.70
CA PRO B 80 32.04 6.51 17.35
C PRO B 80 32.94 5.72 16.39
N ALA B 81 34.16 5.44 16.84
CA ALA B 81 35.17 4.76 16.01
C ALA B 81 34.64 3.41 15.52
N SER B 82 34.02 2.67 16.43
CA SER B 82 33.43 1.36 16.13
C SER B 82 32.28 1.48 15.14
N ARG B 83 31.26 2.27 15.49
CA ARG B 83 30.17 2.58 14.57
C ARG B 83 30.68 2.95 13.18
N ASP B 84 31.71 3.79 13.11
CA ASP B 84 32.25 4.30 11.84
C ASP B 84 33.08 3.24 11.06
N LEU B 85 33.89 2.46 11.78
CA LEU B 85 34.65 1.35 11.18
C LEU B 85 33.71 0.28 10.60
N VAL B 86 32.67 -0.05 11.36
CA VAL B 86 31.67 -1.02 10.88
C VAL B 86 30.91 -0.50 9.62
N VAL B 87 30.33 0.70 9.70
CA VAL B 87 29.58 1.28 8.55
C VAL B 87 30.48 1.43 7.31
N SER B 88 31.73 1.85 7.51
CA SER B 88 32.67 1.96 6.38
C SER B 88 33.02 0.59 5.74
N TYR B 89 33.17 -0.44 6.56
CA TYR B 89 33.39 -1.80 6.05
C TYR B 89 32.23 -2.23 5.10
N VAL B 90 30.99 -1.99 5.52
CA VAL B 90 29.83 -2.38 4.74
C VAL B 90 29.85 -1.65 3.42
N ASN B 91 29.88 -0.32 3.49
CA ASN B 91 29.76 0.55 2.30
C ASN B 91 30.89 0.40 1.29
N THR B 92 32.12 0.18 1.76
CA THR B 92 33.28 0.09 0.87
C THR B 92 33.61 -1.34 0.50
N ASN B 93 33.99 -2.14 1.49
CA ASN B 93 34.48 -3.50 1.25
C ASN B 93 33.36 -4.42 0.75
N VAL B 94 32.26 -4.47 1.49
CA VAL B 94 31.12 -5.29 1.08
C VAL B 94 30.43 -4.69 -0.14
N GLY B 95 30.33 -3.37 -0.17
CA GLY B 95 29.79 -2.65 -1.32
C GLY B 95 30.38 -3.06 -2.68
N LEU B 96 31.70 -3.30 -2.72
CA LEU B 96 32.35 -3.65 -3.98
C LEU B 96 31.84 -4.96 -4.52
N LYS B 97 31.67 -5.97 -3.66
CA LYS B 97 31.09 -7.23 -4.07
C LYS B 97 29.69 -7.09 -4.62
N PHE B 98 28.85 -6.35 -3.92
CA PHE B 98 27.52 -6.14 -4.41
C PHE B 98 27.45 -5.25 -5.63
N ARG B 99 28.31 -4.25 -5.73
CA ARG B 99 28.39 -3.54 -7.01
C ARG B 99 28.60 -4.50 -8.19
N GLN B 100 29.46 -5.51 -8.05
CA GLN B 100 29.75 -6.43 -9.11
C GLN B 100 28.53 -7.27 -9.39
N LEU B 101 27.95 -7.87 -8.34
CA LEU B 101 26.79 -8.75 -8.55
C LEU B 101 25.51 -8.06 -9.04
N LEU B 102 25.17 -6.91 -8.47
CA LEU B 102 23.99 -6.17 -8.98
C LEU B 102 24.20 -5.72 -10.43
N TRP B 103 25.36 -5.14 -10.69
CA TRP B 103 25.72 -4.80 -12.08
C TRP B 103 25.56 -6.06 -12.91
N PHE B 104 26.20 -7.14 -12.62
CA PHE B 104 26.12 -8.31 -13.44
C PHE B 104 24.67 -8.69 -13.81
N HIS B 105 23.74 -8.83 -12.85
CA HIS B 105 22.44 -9.29 -13.16
C HIS B 105 21.66 -8.24 -13.95
N ILE B 106 21.81 -6.98 -13.58
CA ILE B 106 20.96 -5.96 -14.23
C ILE B 106 21.38 -5.77 -15.68
N SER B 107 22.69 -5.76 -15.92
CA SER B 107 23.22 -5.77 -17.29
C SER B 107 22.85 -6.99 -18.12
N CYS B 108 22.88 -8.17 -17.54
CA CYS B 108 22.45 -9.39 -18.27
C CYS B 108 21.00 -9.35 -18.66
N LEU B 109 20.16 -8.79 -17.77
CA LEU B 109 18.72 -8.73 -18.08
C LEU B 109 18.55 -7.75 -19.22
N THR B 110 19.47 -6.79 -19.33
CA THR B 110 19.30 -5.70 -20.30
C THR B 110 19.92 -6.01 -21.65
N PHE B 111 21.10 -6.62 -21.65
CA PHE B 111 21.86 -6.81 -22.88
C PHE B 111 22.01 -8.29 -23.20
N GLY B 112 21.70 -9.17 -22.26
CA GLY B 112 22.06 -10.60 -22.45
C GLY B 112 23.48 -10.95 -21.99
N ARG B 113 23.59 -12.17 -21.48
CA ARG B 113 24.86 -12.76 -21.03
C ARG B 113 26.03 -12.61 -22.01
N GLU B 114 25.86 -13.05 -23.25
CA GLU B 114 26.99 -12.96 -24.25
C GLU B 114 27.59 -11.55 -24.34
N THR B 115 26.73 -10.55 -24.49
CA THR B 115 27.20 -9.20 -24.64
C THR B 115 27.90 -8.72 -23.40
N VAL B 116 27.37 -9.12 -22.24
CA VAL B 116 27.92 -8.61 -20.99
C VAL B 116 29.33 -9.14 -20.76
N LEU B 117 29.49 -10.43 -21.00
CA LEU B 117 30.78 -11.10 -20.93
C LEU B 117 31.77 -10.53 -21.94
N GLU B 118 31.34 -10.32 -23.17
CA GLU B 118 32.19 -9.65 -24.18
C GLU B 118 32.59 -8.29 -23.67
N TYR B 119 31.65 -7.55 -23.10
CA TYR B 119 31.92 -6.19 -22.60
C TYR B 119 32.95 -6.16 -21.45
N LEU B 120 32.80 -7.08 -20.52
CA LEU B 120 33.72 -7.27 -19.40
C LEU B 120 35.18 -7.38 -19.93
N VAL B 121 35.37 -8.30 -20.83
CA VAL B 121 36.67 -8.42 -21.49
C VAL B 121 37.11 -7.14 -22.18
N SER B 122 36.24 -6.53 -22.99
CA SER B 122 36.65 -5.32 -23.73
C SER B 122 37.07 -4.19 -22.84
N PHE B 123 36.25 -3.88 -21.84
CA PHE B 123 36.62 -2.84 -20.89
C PHE B 123 37.88 -3.20 -20.13
N GLY B 124 37.95 -4.40 -19.62
CA GLY B 124 39.13 -4.78 -18.87
C GLY B 124 40.44 -4.66 -19.61
N VAL B 125 40.40 -4.95 -20.90
CA VAL B 125 41.56 -4.83 -21.76
C VAL B 125 41.85 -3.36 -22.02
N TRP B 126 40.81 -2.58 -22.36
CA TRP B 126 40.99 -1.13 -22.62
C TRP B 126 41.59 -0.36 -21.42
N ILE B 127 41.05 -0.56 -20.22
CA ILE B 127 41.56 0.16 -19.03
C ILE B 127 43.06 -0.12 -18.70
N ARG B 128 43.54 -1.29 -19.04
CA ARG B 128 44.92 -1.71 -18.83
C ARG B 128 45.86 -1.38 -19.98
N THR B 129 45.33 -0.76 -21.03
CA THR B 129 46.17 -0.28 -22.10
C THR B 129 46.61 1.09 -21.61
N PRO B 130 47.91 1.45 -21.78
CA PRO B 130 48.32 2.77 -21.36
C PRO B 130 47.45 3.86 -22.01
N PRO B 131 47.06 4.86 -21.21
CA PRO B 131 46.13 5.89 -21.70
C PRO B 131 46.62 6.58 -22.96
N ALA B 132 47.88 6.99 -23.00
CA ALA B 132 48.38 7.67 -24.22
C ALA B 132 48.34 6.79 -25.50
N ALA B 133 48.27 5.47 -25.38
CA ALA B 133 48.31 4.55 -26.51
C ALA B 133 46.95 3.95 -26.89
N ARG B 134 45.90 4.29 -26.15
CA ARG B 134 44.59 3.69 -26.38
C ARG B 134 43.58 4.68 -26.92
N PRO B 135 42.44 4.19 -27.44
CA PRO B 135 41.32 5.12 -27.81
C PRO B 135 40.88 6.00 -26.67
N PRO B 136 40.49 7.26 -26.97
CA PRO B 136 40.26 8.20 -25.88
C PRO B 136 39.02 7.84 -25.02
N ASN B 137 38.03 7.20 -25.62
CA ASN B 137 36.84 6.84 -24.91
C ASN B 137 36.74 5.30 -24.70
N ALA B 138 36.07 4.92 -23.61
CA ALA B 138 35.91 3.51 -23.28
C ALA B 138 35.04 2.79 -24.31
N PRO B 139 35.16 1.47 -24.41
CA PRO B 139 34.15 0.75 -25.14
C PRO B 139 32.72 0.97 -24.62
N ILE B 140 31.71 0.79 -25.47
CA ILE B 140 30.31 1.17 -25.14
C ILE B 140 29.50 -0.10 -24.99
N LEU B 141 28.84 -0.24 -23.82
CA LEU B 141 27.99 -1.39 -23.61
C LEU B 141 26.68 -1.16 -24.32
N SER B 142 26.44 -1.94 -25.38
CA SER B 142 25.14 -1.98 -26.04
C SER B 142 24.98 -3.25 -26.83
N THR B 143 23.78 -3.50 -27.29
CA THR B 143 23.54 -4.64 -28.16
C THR B 143 23.50 -4.21 -29.62
N LEU B 144 23.61 -2.91 -29.88
CA LEU B 144 23.42 -2.36 -31.22
C LEU B 144 24.76 -2.05 -31.84
N PRO B 145 24.83 -2.14 -33.18
CA PRO B 145 26.09 -1.91 -33.88
C PRO B 145 26.50 -0.45 -33.85
N GLU B 146 27.81 -0.22 -33.90
CA GLU B 146 28.37 1.07 -34.21
C GLU B 146 28.59 1.13 -35.73
N THR B 147 29.29 0.11 -36.23
CA THR B 147 29.58 -0.21 -37.65
C THR B 147 30.81 0.53 -38.24
N THR B 148 31.33 -0.02 -39.36
CA THR B 148 32.38 0.63 -40.20
C THR B 148 31.78 1.89 -40.84
N VAL B 149 32.64 2.89 -41.14
CA VAL B 149 32.20 4.15 -41.73
C VAL B 149 31.70 3.97 -43.16
N GLU B 153 28.18 -5.59 -43.55
CA GLU B 153 28.65 -6.11 -42.27
C GLU B 153 28.54 -5.11 -41.12
N ASN B 154 27.88 -5.55 -40.06
CA ASN B 154 27.72 -4.74 -38.85
C ASN B 154 28.86 -4.94 -37.84
N LEU B 155 29.45 -3.84 -37.39
CA LEU B 155 30.47 -3.85 -36.36
C LEU B 155 29.89 -3.40 -35.00
N TYR B 156 30.32 -4.10 -33.94
CA TYR B 156 29.93 -3.75 -32.57
C TYR B 156 31.16 -3.31 -31.78
N PHE B 157 31.00 -3.07 -30.47
CA PHE B 157 32.14 -2.68 -29.62
C PHE B 157 33.24 -3.75 -29.63
N SER C 1 -6.54 10.88 2.95
CA SER C 1 -6.68 11.77 1.76
C SER C 1 -6.48 11.00 0.44
N MET C 2 -6.57 11.73 -0.66
CA MET C 2 -6.54 11.13 -1.97
C MET C 2 -5.10 10.96 -2.45
N ASP C 3 -4.81 9.91 -3.19
CA ASP C 3 -3.45 9.69 -3.67
C ASP C 3 -3.33 9.85 -5.18
N ILE C 4 -3.09 11.06 -5.63
CA ILE C 4 -3.15 11.29 -7.06
C ILE C 4 -1.72 11.46 -7.49
N ASP C 5 -1.29 10.66 -8.47
CA ASP C 5 0.00 10.82 -9.11
C ASP C 5 -0.33 11.56 -10.40
N PRO C 6 0.29 12.72 -10.61
CA PRO C 6 -0.03 13.58 -11.78
C PRO C 6 0.45 12.98 -13.08
N TYR C 7 1.43 12.09 -13.01
CA TYR C 7 1.95 11.39 -14.18
C TYR C 7 1.18 10.16 -14.62
N LYS C 8 0.30 9.66 -13.77
CA LYS C 8 -0.27 8.38 -13.97
C LYS C 8 -1.15 8.30 -15.21
N GLU C 9 -2.08 9.24 -15.41
CA GLU C 9 -2.86 9.27 -16.64
C GLU C 9 -1.99 9.45 -17.89
N PHE C 10 -0.74 9.83 -17.73
CA PHE C 10 0.19 9.98 -18.86
C PHE C 10 1.23 8.85 -18.99
N GLY C 11 0.96 7.68 -18.39
CA GLY C 11 1.82 6.51 -18.53
C GLY C 11 3.13 6.60 -17.78
N ALA C 12 3.15 7.40 -16.71
CA ALA C 12 4.37 7.52 -15.88
C ALA C 12 4.08 7.69 -14.39
N THR C 13 5.12 7.93 -13.61
CA THR C 13 4.96 8.08 -12.18
C THR C 13 5.98 9.04 -11.64
N VAL C 14 5.73 9.54 -10.43
CA VAL C 14 6.66 10.42 -9.70
C VAL C 14 8.01 9.73 -9.57
N GLU C 15 7.94 8.46 -9.15
CA GLU C 15 9.14 7.60 -9.03
C GLU C 15 10.02 7.54 -10.30
N LEU C 16 9.38 7.34 -11.43
CA LEU C 16 10.11 7.29 -12.69
C LEU C 16 10.76 8.63 -12.83
N LEU C 17 9.99 9.71 -12.91
CA LEU C 17 10.61 11.03 -13.05
C LEU C 17 11.76 11.34 -12.06
N SER C 18 11.68 10.82 -10.82
CA SER C 18 12.72 11.00 -9.80
C SER C 18 14.06 10.32 -10.21
N PHE C 19 14.03 9.45 -11.21
CA PHE C 19 15.27 8.81 -11.77
C PHE C 19 16.21 9.81 -12.37
N LEU C 20 15.71 10.97 -12.78
CA LEU C 20 16.53 11.98 -13.37
C LEU C 20 16.99 12.88 -12.30
N PRO C 21 18.28 13.21 -12.30
CA PRO C 21 18.75 14.11 -11.23
C PRO C 21 18.36 15.57 -11.48
N SER C 22 18.35 16.38 -10.42
CA SER C 22 17.84 17.73 -10.55
C SER C 22 18.56 18.50 -11.66
N ASP C 23 19.88 18.34 -11.82
CA ASP C 23 20.59 19.20 -12.80
C ASP C 23 20.39 18.81 -14.30
N PHE C 24 19.67 17.71 -14.56
CA PHE C 24 19.22 17.34 -15.88
C PHE C 24 18.22 18.38 -16.44
N PHE C 25 17.37 18.88 -15.54
CA PHE C 25 16.22 19.72 -15.92
C PHE C 25 16.65 21.18 -16.17
N PRO C 26 16.11 21.79 -17.24
CA PRO C 26 16.17 23.24 -17.36
C PRO C 26 15.43 23.92 -16.20
N SER C 27 15.73 25.19 -15.99
CA SER C 27 15.16 26.04 -14.93
C SER C 27 13.70 26.24 -15.20
N VAL C 28 12.96 26.68 -14.18
CA VAL C 28 11.54 26.92 -14.36
C VAL C 28 11.31 28.04 -15.41
N ARG C 29 12.10 29.12 -15.27
CA ARG C 29 12.06 30.29 -16.16
C ARG C 29 12.22 29.83 -17.62
N ASP C 30 13.23 29.01 -17.91
CA ASP C 30 13.46 28.55 -19.27
C ASP C 30 12.39 27.56 -19.75
N LEU C 31 11.82 26.72 -18.86
CA LEU C 31 10.67 25.86 -19.26
C LEU C 31 9.46 26.70 -19.66
N LEU C 32 9.19 27.73 -18.90
CA LEU C 32 8.04 28.61 -19.18
C LEU C 32 8.23 29.37 -20.50
N ASP C 33 9.44 29.88 -20.70
CA ASP C 33 9.78 30.60 -21.94
C ASP C 33 9.65 29.63 -23.12
N THR C 34 10.02 28.35 -22.93
CA THR C 34 9.87 27.37 -23.97
C THR C 34 8.39 27.02 -24.32
N ALA C 35 7.55 26.83 -23.30
CA ALA C 35 6.14 26.54 -23.57
C ALA C 35 5.53 27.67 -24.40
N ALA C 36 5.90 28.90 -24.12
CA ALA C 36 5.38 30.05 -24.85
C ALA C 36 5.84 30.05 -26.30
N ALA C 37 7.15 29.93 -26.52
CA ALA C 37 7.77 29.94 -27.86
C ALA C 37 7.24 28.84 -28.75
N LEU C 38 6.96 27.67 -28.16
CA LEU C 38 6.44 26.53 -28.89
C LEU C 38 4.93 26.43 -28.93
N TYR C 39 4.25 26.76 -27.85
CA TYR C 39 2.86 26.31 -27.71
C TYR C 39 1.91 27.41 -27.26
N ARG C 40 2.33 28.67 -27.36
CA ARG C 40 1.56 29.76 -26.75
C ARG C 40 0.15 29.74 -27.29
N ASP C 41 -0.02 29.63 -28.59
N ASP C 41 0.10 29.70 -28.61
CA ASP C 41 -1.37 29.72 -29.18
CA ASP C 41 -1.07 29.53 -29.44
C ASP C 41 -2.25 28.51 -28.82
C ASP C 41 -2.10 28.55 -28.87
N ALA C 42 -1.68 27.30 -28.80
CA ALA C 42 -2.49 26.16 -28.39
C ALA C 42 -2.90 26.33 -26.93
N LEU C 43 -1.96 26.77 -26.09
CA LEU C 43 -2.24 26.92 -24.70
C LEU C 43 -3.33 27.95 -24.42
N GLU C 44 -3.38 29.02 -25.22
CA GLU C 44 -4.34 30.12 -25.06
C GLU C 44 -5.66 29.85 -25.79
N SER C 45 -5.74 28.71 -26.46
CA SER C 45 -6.86 28.30 -27.28
C SER C 45 -8.11 27.97 -26.47
N PRO C 46 -9.29 28.13 -27.07
CA PRO C 46 -10.56 27.62 -26.51
C PRO C 46 -10.73 26.11 -26.59
N GLU C 47 -9.88 25.44 -27.37
CA GLU C 47 -9.93 23.99 -27.50
C GLU C 47 -9.06 23.32 -26.44
N HIS C 48 -9.52 22.16 -25.96
CA HIS C 48 -8.70 21.30 -25.11
C HIS C 48 -7.31 21.02 -25.77
N CYS C 49 -7.32 20.78 -27.08
CA CYS C 49 -6.13 20.32 -27.83
C CYS C 49 -5.68 18.88 -27.48
N SER C 50 -5.30 18.63 -26.23
CA SER C 50 -4.99 17.26 -25.76
C SER C 50 -4.88 17.29 -24.23
N PRO C 51 -4.89 16.10 -23.60
CA PRO C 51 -4.67 16.07 -22.15
C PRO C 51 -3.36 16.72 -21.69
N HIS C 52 -2.26 16.53 -22.41
CA HIS C 52 -1.03 17.26 -22.12
C HIS C 52 -1.20 18.82 -22.12
N HIS C 53 -1.93 19.38 -23.05
CA HIS C 53 -2.17 20.83 -22.99
C HIS C 53 -2.96 21.24 -21.74
N THR C 54 -4.02 20.50 -21.46
CA THR C 54 -4.86 20.80 -20.31
C THR C 54 -4.01 20.78 -19.05
N ALA C 55 -3.24 19.71 -18.89
CA ALA C 55 -2.40 19.54 -17.74
C ALA C 55 -1.27 20.56 -17.70
N LEU C 56 -0.66 20.89 -18.85
CA LEU C 56 0.41 21.91 -18.82
C LEU C 56 -0.13 23.31 -18.52
N ARG C 57 -1.33 23.64 -19.00
CA ARG C 57 -1.96 24.91 -18.61
C ARG C 57 -2.09 25.07 -17.08
N GLN C 58 -2.54 24.03 -16.39
CA GLN C 58 -2.68 24.15 -14.93
C GLN C 58 -1.31 24.28 -14.27
N ALA C 59 -0.30 23.55 -14.71
CA ALA C 59 1.04 23.62 -14.09
C ALA C 59 1.60 25.02 -14.18
N ILE C 60 1.46 25.63 -15.34
CA ILE C 60 1.96 26.96 -15.57
C ILE C 60 1.34 27.94 -14.65
N LEU C 61 0.01 27.84 -14.58
CA LEU C 61 -0.79 28.63 -13.65
C LEU C 61 -0.49 28.45 -12.13
N CYS C 62 -0.35 27.19 -11.69
CA CYS C 62 0.06 26.86 -10.34
C CYS C 62 1.42 27.48 -9.97
N TRP C 63 2.37 27.31 -10.86
CA TRP C 63 3.66 27.96 -10.63
C TRP C 63 3.46 29.44 -10.43
N GLY C 64 2.65 30.03 -11.30
CA GLY C 64 2.32 31.46 -11.16
C GLY C 64 1.83 31.80 -9.78
N ASP C 65 0.93 30.96 -9.23
CA ASP C 65 0.39 31.17 -7.88
C ASP C 65 1.49 31.05 -6.82
N LEU C 66 2.35 30.05 -6.99
CA LEU C 66 3.47 29.92 -6.07
C LEU C 66 4.38 31.16 -6.21
N MET C 67 4.71 31.59 -7.42
CA MET C 67 5.53 32.80 -7.58
C MET C 67 4.82 34.07 -7.09
N THR C 68 3.58 34.30 -7.51
CA THR C 68 2.80 35.40 -6.99
C THR C 68 2.83 35.43 -5.47
N LEU C 69 2.95 34.26 -4.86
CA LEU C 69 3.07 34.16 -3.41
C LEU C 69 4.46 34.56 -2.94
N ALA C 70 5.50 34.00 -3.55
CA ALA C 70 6.89 34.38 -3.24
C ALA C 70 7.09 35.90 -3.38
N THR C 71 6.61 36.45 -4.49
CA THR C 71 6.65 37.89 -4.77
C THR C 71 5.86 38.71 -3.74
N TRP C 72 4.74 38.18 -3.27
CA TRP C 72 4.00 38.81 -2.18
C TRP C 72 4.72 38.64 -0.83
N VAL C 73 5.64 37.67 -0.77
CA VAL C 73 6.30 37.22 0.47
C VAL C 73 6.85 38.23 1.49
N GLY C 74 7.68 39.21 1.11
CA GLY C 74 7.89 39.70 -0.25
C GLY C 74 7.61 41.21 -0.24
N THR C 75 6.56 41.61 0.45
CA THR C 75 6.21 43.03 0.67
C THR C 75 5.04 43.15 1.66
N ASP C 84 13.09 35.32 3.01
CA ASP C 84 14.14 34.83 2.13
C ASP C 84 14.09 33.30 2.03
N LEU C 85 14.07 32.63 3.18
CA LEU C 85 14.00 31.15 3.25
C LEU C 85 12.67 30.61 2.70
N VAL C 86 11.59 31.38 2.83
CA VAL C 86 10.32 31.06 2.20
C VAL C 86 10.45 31.15 0.67
N VAL C 87 11.04 32.25 0.17
CA VAL C 87 11.27 32.42 -1.27
C VAL C 87 12.20 31.32 -1.82
N SER C 88 13.26 31.02 -1.05
CA SER C 88 14.15 29.87 -1.32
C SER C 88 13.37 28.58 -1.33
N TYR C 89 12.50 28.38 -0.34
CA TYR C 89 11.68 27.18 -0.28
C TYR C 89 10.99 27.01 -1.63
N VAL C 90 10.34 28.07 -2.10
CA VAL C 90 9.58 27.96 -3.34
C VAL C 90 10.50 27.53 -4.49
N ASN C 91 11.55 28.30 -4.72
CA ASN C 91 12.44 28.08 -5.87
C ASN C 91 13.27 26.82 -5.79
N THR C 92 13.56 26.35 -4.58
CA THR C 92 14.42 25.19 -4.44
C THR C 92 13.58 23.91 -4.51
N ASN C 93 12.76 23.74 -3.48
CA ASN C 93 12.07 22.48 -3.20
C ASN C 93 10.91 22.28 -4.17
N VAL C 94 10.04 23.29 -4.18
CA VAL C 94 8.85 23.27 -5.02
C VAL C 94 9.33 23.36 -6.46
N GLY C 95 10.42 24.11 -6.68
CA GLY C 95 11.08 24.22 -7.97
C GLY C 95 11.30 22.91 -8.70
N LEU C 96 11.91 21.94 -8.01
CA LEU C 96 12.26 20.70 -8.65
C LEU C 96 11.02 19.97 -9.15
N LYS C 97 9.98 19.93 -8.30
CA LYS C 97 8.73 19.32 -8.69
C LYS C 97 8.19 19.97 -9.96
N PHE C 98 8.21 21.31 -10.06
CA PHE C 98 7.70 21.92 -11.28
C PHE C 98 8.60 21.77 -12.50
N ARG C 99 9.92 21.69 -12.28
CA ARG C 99 10.82 21.46 -13.37
C ARG C 99 10.50 20.14 -14.00
N GLN C 100 10.25 19.09 -13.18
CA GLN C 100 9.98 17.76 -13.70
C GLN C 100 8.68 17.68 -14.50
N LEU C 101 7.63 18.29 -13.93
CA LEU C 101 6.25 18.37 -14.50
C LEU C 101 6.20 19.22 -15.75
N LEU C 102 6.76 20.40 -15.71
CA LEU C 102 6.78 21.24 -16.95
C LEU C 102 7.63 20.59 -18.05
N TRP C 103 8.81 20.08 -17.68
CA TRP C 103 9.71 19.37 -18.68
C TRP C 103 8.92 18.22 -19.24
N PHE C 104 8.24 17.47 -18.40
CA PHE C 104 7.54 16.28 -18.87
C PHE C 104 6.47 16.60 -19.91
N HIS C 105 5.57 17.52 -19.59
CA HIS C 105 4.54 17.88 -20.58
C HIS C 105 5.06 18.56 -21.83
N ILE C 106 6.04 19.45 -21.70
CA ILE C 106 6.53 20.16 -22.91
C ILE C 106 7.28 19.19 -23.85
N SER C 107 8.10 18.32 -23.25
CA SER C 107 8.78 17.31 -24.04
C SER C 107 7.82 16.31 -24.66
N CYS C 108 6.77 15.89 -23.92
CA CYS C 108 5.77 14.99 -24.52
C CYS C 108 5.00 15.65 -25.69
N LEU C 109 4.69 16.93 -25.55
CA LEU C 109 4.05 17.64 -26.70
C LEU C 109 4.91 17.65 -27.99
N THR C 110 6.21 17.68 -27.76
CA THR C 110 7.23 17.81 -28.79
C THR C 110 7.65 16.49 -29.38
N PHE C 111 7.98 15.53 -28.55
CA PHE C 111 8.56 14.26 -29.00
C PHE C 111 7.65 13.06 -28.79
N GLY C 112 6.53 13.26 -28.09
CA GLY C 112 5.63 12.15 -27.76
C GLY C 112 6.10 11.33 -26.54
N ARG C 113 5.15 10.67 -25.90
CA ARG C 113 5.36 9.97 -24.62
C ARG C 113 6.43 8.88 -24.70
N GLU C 114 6.34 7.99 -25.68
CA GLU C 114 7.28 6.87 -25.84
C GLU C 114 8.73 7.34 -25.87
N THR C 115 9.02 8.32 -26.72
CA THR C 115 10.36 8.91 -26.82
C THR C 115 10.80 9.54 -25.49
N VAL C 116 9.91 10.29 -24.88
CA VAL C 116 10.23 10.94 -23.61
C VAL C 116 10.64 9.92 -22.54
N LEU C 117 9.82 8.90 -22.38
CA LEU C 117 10.04 7.85 -21.39
C LEU C 117 11.33 7.09 -21.72
N GLU C 118 11.55 6.77 -22.99
CA GLU C 118 12.80 6.08 -23.40
C GLU C 118 13.98 6.94 -23.03
N TYR C 119 13.87 8.26 -23.27
CA TYR C 119 14.94 9.21 -22.95
C TYR C 119 15.23 9.34 -21.48
N LEU C 120 14.20 9.43 -20.66
CA LEU C 120 14.41 9.51 -19.19
C LEU C 120 15.32 8.34 -18.70
N VAL C 121 15.04 7.14 -19.21
CA VAL C 121 15.85 5.93 -18.88
C VAL C 121 17.25 6.03 -19.44
N SER C 122 17.39 6.37 -20.72
CA SER C 122 18.75 6.55 -21.26
C SER C 122 19.56 7.53 -20.46
N PHE C 123 19.08 8.75 -20.23
CA PHE C 123 19.88 9.68 -19.54
C PHE C 123 20.15 9.23 -18.09
N GLY C 124 19.12 8.74 -17.42
CA GLY C 124 19.26 8.29 -16.05
C GLY C 124 20.33 7.18 -15.93
N VAL C 125 20.36 6.29 -16.89
CA VAL C 125 21.43 5.31 -16.93
C VAL C 125 22.78 5.91 -17.23
N TRP C 126 22.86 6.81 -18.21
CA TRP C 126 24.13 7.40 -18.59
C TRP C 126 24.79 8.19 -17.43
N ILE C 127 23.97 9.00 -16.75
CA ILE C 127 24.51 9.86 -15.72
C ILE C 127 25.04 9.04 -14.52
N ARG C 128 24.52 7.84 -14.32
CA ARG C 128 24.94 6.94 -13.24
C ARG C 128 26.14 6.03 -13.60
N THR C 129 26.60 6.13 -14.84
CA THR C 129 27.80 5.44 -15.25
C THR C 129 29.01 6.30 -14.87
N PRO C 130 30.04 5.68 -14.31
CA PRO C 130 31.18 6.50 -13.93
C PRO C 130 31.70 7.31 -15.12
N PRO C 131 31.93 8.63 -14.91
CA PRO C 131 32.30 9.47 -16.05
C PRO C 131 33.48 8.97 -16.87
N ALA C 132 34.53 8.46 -16.24
CA ALA C 132 35.66 7.90 -16.99
C ALA C 132 35.31 6.71 -17.88
N ALA C 133 34.19 6.03 -17.60
CA ALA C 133 33.83 4.81 -18.31
C ALA C 133 32.71 4.95 -19.32
N ARG C 134 32.15 6.15 -19.47
CA ARG C 134 30.94 6.35 -20.28
C ARG C 134 31.27 7.23 -21.48
N PRO C 135 30.41 7.26 -22.52
CA PRO C 135 30.57 8.25 -23.60
C PRO C 135 30.66 9.69 -23.10
N PRO C 136 31.50 10.52 -23.73
CA PRO C 136 31.71 11.89 -23.25
C PRO C 136 30.42 12.74 -23.23
N ASN C 137 29.50 12.51 -24.16
CA ASN C 137 28.33 13.38 -24.26
C ASN C 137 27.09 12.60 -23.92
N ALA C 138 26.12 13.31 -23.37
CA ALA C 138 24.88 12.69 -22.97
C ALA C 138 24.11 12.22 -24.20
N PRO C 139 23.23 11.20 -24.04
CA PRO C 139 22.30 10.89 -25.12
C PRO C 139 21.43 12.12 -25.49
N ILE C 140 20.95 12.14 -26.75
CA ILE C 140 20.25 13.29 -27.37
C ILE C 140 18.76 12.98 -27.43
N LEU C 141 17.93 13.88 -26.88
CA LEU C 141 16.49 13.75 -27.01
C LEU C 141 16.05 14.18 -28.39
N SER C 142 15.49 13.24 -29.15
CA SER C 142 15.13 13.50 -30.52
C SER C 142 14.16 12.42 -30.97
N THR C 143 13.31 12.71 -31.94
CA THR C 143 12.59 11.63 -32.59
C THR C 143 13.34 11.08 -33.81
N LEU C 144 14.41 11.75 -34.22
CA LEU C 144 15.06 11.43 -35.52
C LEU C 144 16.25 10.54 -35.31
N PRO C 145 16.58 9.70 -36.30
CA PRO C 145 17.70 8.79 -36.12
C PRO C 145 19.05 9.47 -36.17
N GLU C 146 20.05 8.78 -35.63
CA GLU C 146 21.48 9.10 -35.81
C GLU C 146 22.12 8.03 -36.69
N THR C 147 21.72 6.77 -36.48
CA THR C 147 22.01 5.64 -37.38
C THR C 147 23.46 5.16 -37.19
N THR C 148 23.76 3.98 -37.74
CA THR C 148 25.11 3.41 -37.77
C THR C 148 25.90 4.06 -38.91
N VAL C 149 27.23 4.12 -38.76
CA VAL C 149 28.10 4.84 -39.69
C VAL C 149 28.21 4.16 -41.06
N GLU C 153 18.47 -0.03 -41.77
CA GLU C 153 18.07 0.16 -40.38
C GLU C 153 18.46 1.50 -39.75
N ASN C 154 17.45 2.25 -39.34
CA ASN C 154 17.67 3.47 -38.54
C ASN C 154 17.98 3.20 -37.05
N LEU C 155 18.95 3.94 -36.49
CA LEU C 155 19.29 3.85 -35.07
C LEU C 155 18.95 5.17 -34.41
N TYR C 156 18.63 5.12 -33.11
CA TYR C 156 18.25 6.34 -32.35
C TYR C 156 19.08 6.43 -31.06
N PHE C 157 18.72 7.31 -30.12
CA PHE C 157 19.42 7.33 -28.83
C PHE C 157 19.22 5.98 -28.09
N MET D 2 2.32 35.23 -21.99
CA MET D 2 1.30 34.14 -22.08
C MET D 2 0.15 34.42 -21.11
N ASP D 3 -1.06 34.47 -21.64
CA ASP D 3 -2.26 34.71 -20.84
C ASP D 3 -3.22 33.53 -20.94
N ILE D 4 -3.13 32.63 -19.99
CA ILE D 4 -3.95 31.44 -20.00
C ILE D 4 -5.03 31.65 -18.94
N ASP D 5 -6.29 31.53 -19.36
CA ASP D 5 -7.46 31.52 -18.47
C ASP D 5 -7.80 30.05 -18.25
N PRO D 6 -7.77 29.61 -17.01
CA PRO D 6 -7.96 28.15 -16.78
C PRO D 6 -9.35 27.66 -17.14
N TYR D 7 -10.29 28.58 -17.29
CA TYR D 7 -11.69 28.24 -17.60
C TYR D 7 -12.05 28.18 -19.08
N LYS D 8 -11.17 28.68 -19.92
CA LYS D 8 -11.50 29.03 -21.28
C LYS D 8 -11.73 27.77 -22.13
N GLU D 9 -10.88 26.75 -21.97
CA GLU D 9 -11.15 25.46 -22.58
C GLU D 9 -12.43 24.79 -22.08
N PHE D 10 -13.00 25.26 -20.97
CA PHE D 10 -14.20 24.65 -20.42
C PHE D 10 -15.43 25.50 -20.64
N GLY D 11 -15.32 26.46 -21.55
CA GLY D 11 -16.42 27.33 -21.94
C GLY D 11 -16.80 28.40 -20.94
N ALA D 12 -15.85 28.84 -20.12
CA ALA D 12 -16.10 29.90 -19.13
C ALA D 12 -14.91 30.85 -19.01
N THR D 13 -14.91 31.71 -18.02
CA THR D 13 -13.80 32.64 -17.84
C THR D 13 -13.63 33.02 -16.38
N VAL D 14 -12.44 33.54 -16.05
CA VAL D 14 -12.17 34.10 -14.72
C VAL D 14 -13.28 35.11 -14.32
N GLU D 15 -13.63 36.05 -15.23
CA GLU D 15 -14.64 37.10 -14.91
C GLU D 15 -16.02 36.55 -14.61
N LEU D 16 -16.42 35.58 -15.41
CA LEU D 16 -17.66 34.92 -15.15
C LEU D 16 -17.67 34.34 -13.72
N LEU D 17 -16.77 33.43 -13.39
CA LEU D 17 -16.66 32.94 -12.00
C LEU D 17 -16.59 34.05 -10.95
N SER D 18 -15.92 35.17 -11.23
CA SER D 18 -15.88 36.25 -10.24
C SER D 18 -17.28 36.91 -10.05
N PHE D 19 -18.27 36.58 -10.90
CA PHE D 19 -19.65 37.04 -10.65
C PHE D 19 -20.18 36.54 -9.32
N LEU D 20 -19.63 35.44 -8.80
CA LEU D 20 -20.12 34.84 -7.57
C LEU D 20 -19.32 35.31 -6.37
N PRO D 21 -20.00 35.74 -5.30
CA PRO D 21 -19.18 36.25 -4.19
C PRO D 21 -18.51 35.12 -3.37
N SER D 22 -17.49 35.44 -2.59
CA SER D 22 -16.73 34.40 -1.85
C SER D 22 -17.64 33.40 -1.14
N ASP D 23 -18.60 33.90 -0.38
CA ASP D 23 -19.27 33.00 0.59
C ASP D 23 -20.35 32.12 -0.08
N PHE D 24 -20.53 32.26 -1.38
CA PHE D 24 -21.24 31.27 -2.16
C PHE D 24 -20.53 29.89 -2.19
N PHE D 25 -19.19 29.91 -2.17
CA PHE D 25 -18.41 28.70 -2.39
C PHE D 25 -18.24 27.95 -1.08
N PRO D 26 -18.33 26.59 -1.10
CA PRO D 26 -17.82 25.83 -0.01
C PRO D 26 -16.30 26.07 0.26
N SER D 27 -15.87 25.66 1.43
CA SER D 27 -14.49 25.75 1.88
C SER D 27 -13.66 24.85 0.98
N VAL D 28 -12.34 25.10 1.00
CA VAL D 28 -11.45 24.29 0.20
C VAL D 28 -11.51 22.87 0.74
N ARG D 29 -11.52 22.77 2.07
CA ARG D 29 -11.51 21.44 2.68
C ARG D 29 -12.78 20.67 2.26
N ASP D 30 -13.94 21.34 2.22
CA ASP D 30 -15.19 20.66 1.83
C ASP D 30 -15.22 20.32 0.31
N LEU D 31 -14.57 21.14 -0.51
CA LEU D 31 -14.46 20.75 -1.90
C LEU D 31 -13.62 19.48 -2.04
N LEU D 32 -12.54 19.40 -1.31
CA LEU D 32 -11.60 18.27 -1.45
C LEU D 32 -12.23 16.95 -0.94
N ASP D 33 -12.94 17.02 0.18
CA ASP D 33 -13.71 15.85 0.72
C ASP D 33 -14.75 15.43 -0.34
N THR D 34 -15.37 16.42 -1.02
CA THR D 34 -16.44 16.15 -1.97
C THR D 34 -15.91 15.52 -3.26
N ALA D 35 -14.79 16.03 -3.81
CA ALA D 35 -14.10 15.39 -4.93
C ALA D 35 -13.82 13.93 -4.63
N ALA D 36 -13.34 13.68 -3.42
CA ALA D 36 -13.00 12.32 -3.02
C ALA D 36 -14.24 11.44 -2.88
N ALA D 37 -15.28 11.90 -2.18
CA ALA D 37 -16.54 11.10 -2.02
C ALA D 37 -17.20 10.74 -3.34
N LEU D 38 -17.19 11.68 -4.29
CA LEU D 38 -17.81 11.46 -5.61
C LEU D 38 -16.95 10.80 -6.66
N TYR D 39 -15.67 11.13 -6.67
CA TYR D 39 -14.80 10.92 -7.84
C TYR D 39 -13.43 10.30 -7.59
N ARG D 40 -13.19 9.89 -6.35
CA ARG D 40 -11.88 9.39 -5.97
C ARG D 40 -11.28 8.38 -6.96
N ASP D 41 -12.09 7.40 -7.37
CA ASP D 41 -11.58 6.30 -8.17
C ASP D 41 -11.26 6.77 -9.57
N ALA D 42 -12.17 7.55 -10.16
CA ALA D 42 -11.86 8.17 -11.44
C ALA D 42 -10.58 9.04 -11.33
N LEU D 43 -10.48 9.83 -10.27
CA LEU D 43 -9.35 10.75 -10.20
C LEU D 43 -8.04 10.01 -10.07
N GLU D 44 -8.09 8.90 -9.34
CA GLU D 44 -6.91 8.09 -9.08
C GLU D 44 -6.56 7.10 -10.19
N SER D 45 -7.37 7.05 -11.26
CA SER D 45 -7.23 6.02 -12.28
C SER D 45 -6.17 6.37 -13.33
N PRO D 46 -5.73 5.37 -14.12
CA PRO D 46 -4.79 5.60 -15.22
C PRO D 46 -5.44 6.12 -16.51
N GLU D 47 -6.76 6.26 -16.52
CA GLU D 47 -7.45 6.83 -17.66
C GLU D 47 -7.65 8.36 -17.48
N HIS D 48 -7.49 9.11 -18.57
CA HIS D 48 -7.81 10.55 -18.56
C HIS D 48 -9.21 10.79 -17.99
N CYS D 49 -10.16 9.98 -18.47
CA CYS D 49 -11.61 10.10 -18.15
C CYS D 49 -12.25 11.33 -18.84
N SER D 50 -11.80 12.54 -18.52
CA SER D 50 -12.24 13.75 -19.23
C SER D 50 -11.31 14.92 -18.94
N PRO D 51 -11.39 15.98 -19.78
CA PRO D 51 -10.61 17.18 -19.52
C PRO D 51 -10.87 17.75 -18.12
N HIS D 52 -12.12 17.78 -17.64
CA HIS D 52 -12.39 18.21 -16.27
C HIS D 52 -11.67 17.36 -15.23
N HIS D 53 -11.52 16.05 -15.46
CA HIS D 53 -10.78 15.21 -14.52
C HIS D 53 -9.32 15.59 -14.54
N THR D 54 -8.78 15.75 -15.73
CA THR D 54 -7.38 16.08 -15.88
C THR D 54 -7.10 17.38 -15.15
N ALA D 55 -7.94 18.38 -15.35
CA ALA D 55 -7.79 19.67 -14.67
C ALA D 55 -8.03 19.58 -13.18
N LEU D 56 -9.08 18.83 -12.77
CA LEU D 56 -9.36 18.75 -11.34
C LEU D 56 -8.22 18.08 -10.59
N ARG D 57 -7.56 17.08 -11.18
CA ARG D 57 -6.40 16.45 -10.57
C ARG D 57 -5.26 17.44 -10.31
N GLN D 58 -4.92 18.25 -11.30
CA GLN D 58 -3.87 19.27 -11.11
C GLN D 58 -4.28 20.27 -9.98
N ALA D 59 -5.52 20.70 -9.93
CA ALA D 59 -5.93 21.72 -8.90
C ALA D 59 -5.80 21.18 -7.49
N ILE D 60 -6.15 19.91 -7.35
CA ILE D 60 -6.02 19.27 -6.07
C ILE D 60 -4.61 19.25 -5.64
N LEU D 61 -3.72 18.89 -6.58
CA LEU D 61 -2.33 18.78 -6.28
C LEU D 61 -1.66 20.17 -6.06
N CYS D 62 -2.04 21.17 -6.83
CA CYS D 62 -1.58 22.54 -6.64
C CYS D 62 -1.93 23.06 -5.23
N TRP D 63 -3.20 22.91 -4.84
CA TRP D 63 -3.59 23.26 -3.48
C TRP D 63 -2.74 22.51 -2.51
N GLY D 64 -2.56 21.22 -2.76
CA GLY D 64 -1.60 20.42 -1.97
C GLY D 64 -0.25 21.07 -1.78
N ASP D 65 0.38 21.55 -2.87
CA ASP D 65 1.69 22.26 -2.77
C ASP D 65 1.62 23.55 -1.94
N LEU D 66 0.57 24.33 -2.13
CA LEU D 66 0.26 25.48 -1.27
C LEU D 66 0.02 25.05 0.19
N MET D 67 -0.64 23.92 0.41
CA MET D 67 -0.88 23.46 1.79
C MET D 67 0.33 22.73 2.39
N THR D 68 1.12 22.06 1.56
CA THR D 68 2.42 21.54 2.00
C THR D 68 3.40 22.68 2.28
N LEU D 69 3.22 23.81 1.59
CA LEU D 69 3.96 25.03 1.90
C LEU D 69 3.56 25.59 3.24
N ALA D 70 2.25 25.74 3.47
CA ALA D 70 1.77 26.34 4.72
C ALA D 70 2.20 25.49 5.95
N THR D 71 2.11 24.17 5.79
CA THR D 71 2.64 23.19 6.75
C THR D 71 4.16 23.29 6.93
N TRP D 72 4.90 23.53 5.84
CA TRP D 72 6.36 23.69 5.91
C TRP D 72 6.72 24.97 6.70
N VAL D 73 5.84 25.96 6.65
CA VAL D 73 5.97 27.21 7.42
C VAL D 73 5.44 27.06 8.87
N SER D 82 5.45 36.00 11.39
CA SER D 82 5.98 35.40 10.16
C SER D 82 5.01 34.35 9.64
N ARG D 83 4.82 33.30 10.43
CA ARG D 83 4.05 32.14 10.02
C ARG D 83 2.60 32.47 9.66
N ASP D 84 2.00 33.46 10.34
CA ASP D 84 0.57 33.81 10.17
C ASP D 84 0.25 34.54 8.87
N LEU D 85 0.89 35.67 8.63
CA LEU D 85 0.66 36.44 7.40
C LEU D 85 0.73 35.52 6.16
N VAL D 86 1.78 34.70 6.11
CA VAL D 86 1.97 33.66 5.08
C VAL D 86 0.77 32.69 5.01
N VAL D 87 0.47 32.01 6.12
CA VAL D 87 -0.65 31.06 6.16
C VAL D 87 -2.01 31.73 5.86
N SER D 88 -2.23 32.94 6.38
CA SER D 88 -3.48 33.68 6.13
C SER D 88 -3.58 34.12 4.67
N TYR D 89 -2.44 34.53 4.08
CA TYR D 89 -2.41 34.82 2.64
C TYR D 89 -2.84 33.57 1.85
N VAL D 90 -2.20 32.44 2.14
CA VAL D 90 -2.51 31.21 1.42
C VAL D 90 -4.01 30.95 1.54
N ASN D 91 -4.50 30.82 2.77
CA ASN D 91 -5.87 30.33 3.03
C ASN D 91 -6.97 31.27 2.57
N THR D 92 -6.69 32.58 2.51
CA THR D 92 -7.73 33.56 2.22
C THR D 92 -7.88 33.80 0.71
N ASN D 93 -6.76 34.01 0.02
CA ASN D 93 -6.72 34.79 -1.25
C ASN D 93 -6.50 33.97 -2.53
N VAL D 94 -5.33 33.31 -2.56
CA VAL D 94 -5.13 32.03 -3.24
C VAL D 94 -6.35 31.12 -2.96
N GLY D 95 -6.73 31.05 -1.68
CA GLY D 95 -7.92 30.31 -1.24
C GLY D 95 -9.16 30.52 -2.07
N LEU D 96 -9.53 31.78 -2.30
CA LEU D 96 -10.73 32.09 -3.06
C LEU D 96 -10.64 31.60 -4.48
N LYS D 97 -9.46 31.66 -5.05
CA LYS D 97 -9.21 31.20 -6.41
C LYS D 97 -9.45 29.73 -6.54
N PHE D 98 -8.94 29.01 -5.53
CA PHE D 98 -9.07 27.57 -5.58
C PHE D 98 -10.47 27.03 -5.24
N ARG D 99 -11.17 27.74 -4.35
CA ARG D 99 -12.60 27.50 -4.15
C ARG D 99 -13.37 27.60 -5.44
N GLN D 100 -13.11 28.63 -6.27
CA GLN D 100 -13.83 28.79 -7.54
C GLN D 100 -13.56 27.67 -8.49
N LEU D 101 -12.27 27.41 -8.69
CA LEU D 101 -11.72 26.38 -9.57
C LEU D 101 -12.14 24.97 -9.13
N LEU D 102 -11.97 24.62 -7.88
CA LEU D 102 -12.40 23.24 -7.52
C LEU D 102 -13.95 23.06 -7.59
N TRP D 103 -14.69 24.05 -7.11
CA TRP D 103 -16.19 24.02 -7.23
C TRP D 103 -16.60 23.90 -8.68
N PHE D 104 -15.95 24.65 -9.54
CA PHE D 104 -16.29 24.62 -10.94
C PHE D 104 -16.13 23.28 -11.59
N HIS D 105 -14.96 22.66 -11.49
CA HIS D 105 -14.83 21.30 -11.98
C HIS D 105 -15.71 20.24 -11.35
N ILE D 106 -15.89 20.26 -10.05
CA ILE D 106 -16.68 19.17 -9.40
C ILE D 106 -18.15 19.31 -9.77
N SER D 107 -18.62 20.56 -9.83
CA SER D 107 -19.97 20.81 -10.25
C SER D 107 -20.15 20.48 -11.72
N CYS D 108 -19.16 20.78 -12.57
CA CYS D 108 -19.32 20.42 -13.97
C CYS D 108 -19.42 18.89 -14.14
N LEU D 109 -18.58 18.16 -13.42
CA LEU D 109 -18.61 16.69 -13.56
C LEU D 109 -19.93 16.08 -13.09
N THR D 110 -20.54 16.68 -12.06
CA THR D 110 -21.84 16.25 -11.47
C THR D 110 -23.06 16.74 -12.25
N PHE D 111 -23.12 18.01 -12.60
CA PHE D 111 -24.27 18.54 -13.33
C PHE D 111 -24.05 18.90 -14.78
N GLY D 112 -22.83 18.79 -15.29
CA GLY D 112 -22.58 19.25 -16.68
C GLY D 112 -22.43 20.77 -16.78
N ARG D 113 -21.65 21.23 -17.77
CA ARG D 113 -21.27 22.63 -17.93
C ARG D 113 -22.48 23.57 -18.07
N GLU D 114 -23.41 23.22 -18.96
CA GLU D 114 -24.58 24.08 -19.21
C GLU D 114 -25.34 24.48 -17.94
N THR D 115 -25.64 23.48 -17.08
CA THR D 115 -26.34 23.75 -15.81
C THR D 115 -25.50 24.64 -14.89
N VAL D 116 -24.20 24.37 -14.84
CA VAL D 116 -23.32 25.06 -13.92
C VAL D 116 -23.29 26.56 -14.25
N LEU D 117 -23.09 26.85 -15.52
CA LEU D 117 -23.07 28.21 -16.02
C LEU D 117 -24.42 28.89 -15.80
N GLU D 118 -25.54 28.21 -16.04
CA GLU D 118 -26.85 28.83 -15.79
C GLU D 118 -26.99 29.14 -14.34
N TYR D 119 -26.55 28.19 -13.50
CA TYR D 119 -26.66 28.35 -12.05
C TYR D 119 -25.84 29.54 -11.57
N LEU D 120 -24.64 29.66 -12.08
CA LEU D 120 -23.74 30.78 -11.70
C LEU D 120 -24.44 32.13 -11.85
N VAL D 121 -25.07 32.28 -13.02
CA VAL D 121 -25.83 33.51 -13.36
C VAL D 121 -27.05 33.66 -12.45
N SER D 122 -27.89 32.64 -12.30
CA SER D 122 -29.07 32.74 -11.38
C SER D 122 -28.65 33.10 -9.96
N PHE D 123 -27.66 32.41 -9.38
CA PHE D 123 -27.26 32.74 -8.02
C PHE D 123 -26.72 34.18 -7.96
N GLY D 124 -25.89 34.53 -8.91
CA GLY D 124 -25.24 35.84 -8.93
C GLY D 124 -26.33 36.93 -9.00
N VAL D 125 -27.39 36.67 -9.73
CA VAL D 125 -28.47 37.62 -9.81
C VAL D 125 -29.28 37.71 -8.51
N TRP D 126 -29.57 36.56 -7.90
CA TRP D 126 -30.36 36.48 -6.71
C TRP D 126 -29.68 37.22 -5.53
N ILE D 127 -28.37 36.96 -5.35
CA ILE D 127 -27.63 37.49 -4.22
C ILE D 127 -27.45 39.03 -4.31
N ARG D 128 -27.40 39.56 -5.53
CA ARG D 128 -27.43 40.99 -5.77
C ARG D 128 -28.83 41.67 -5.60
N THR D 129 -29.90 40.90 -5.51
CA THR D 129 -31.22 41.48 -5.28
C THR D 129 -31.38 41.84 -3.80
N PRO D 130 -31.93 43.01 -3.47
CA PRO D 130 -32.04 43.33 -2.05
C PRO D 130 -32.81 42.23 -1.31
N PRO D 131 -32.26 41.75 -0.16
CA PRO D 131 -32.88 40.63 0.58
C PRO D 131 -34.37 40.80 0.82
N ALA D 132 -34.81 41.99 1.18
CA ALA D 132 -36.25 42.18 1.45
C ALA D 132 -37.15 42.02 0.22
N ALA D 133 -36.57 42.15 -0.97
CA ALA D 133 -37.30 42.15 -2.22
C ALA D 133 -37.19 40.84 -3.01
N ARG D 134 -36.43 39.87 -2.47
CA ARG D 134 -36.12 38.64 -3.23
C ARG D 134 -36.75 37.42 -2.58
N PRO D 135 -36.83 36.28 -3.29
CA PRO D 135 -37.23 35.05 -2.61
C PRO D 135 -36.32 34.69 -1.43
N PRO D 136 -36.91 34.11 -0.38
CA PRO D 136 -36.20 33.86 0.85
C PRO D 136 -35.05 32.88 0.67
N ASN D 137 -35.20 31.92 -0.25
CA ASN D 137 -34.21 30.88 -0.41
C ASN D 137 -33.49 31.06 -1.75
N ALA D 138 -32.24 30.65 -1.79
CA ALA D 138 -31.45 30.71 -3.01
C ALA D 138 -31.98 29.75 -4.08
N PRO D 139 -31.73 30.07 -5.36
CA PRO D 139 -31.95 29.02 -6.37
C PRO D 139 -31.11 27.75 -6.04
N ILE D 140 -31.54 26.61 -6.58
CA ILE D 140 -31.06 25.29 -6.15
C ILE D 140 -30.35 24.74 -7.33
N LEU D 141 -29.10 24.27 -7.13
CA LEU D 141 -28.34 23.66 -8.18
C LEU D 141 -28.77 22.20 -8.33
N SER D 142 -29.27 21.86 -9.50
CA SER D 142 -29.76 20.52 -9.75
C SER D 142 -29.95 20.42 -11.24
N THR D 143 -30.03 19.20 -11.78
CA THR D 143 -30.47 19.02 -13.16
C THR D 143 -31.95 18.66 -13.23
N LEU D 144 -32.56 18.43 -12.06
CA LEU D 144 -33.92 17.89 -11.98
C LEU D 144 -34.94 19.02 -11.87
N PRO D 145 -36.14 18.81 -12.43
CA PRO D 145 -37.16 19.86 -12.38
C PRO D 145 -37.64 20.17 -10.96
N GLU D 146 -38.13 21.40 -10.77
CA GLU D 146 -38.87 21.80 -9.58
C GLU D 146 -40.34 21.88 -10.00
N THR D 147 -40.55 22.74 -11.01
CA THR D 147 -41.77 22.81 -11.83
C THR D 147 -42.87 23.71 -11.30
N THR D 148 -43.85 24.00 -12.17
CA THR D 148 -45.06 24.77 -11.84
C THR D 148 -45.94 23.98 -10.85
N VAL D 149 -46.83 24.68 -10.14
CA VAL D 149 -47.66 24.09 -9.08
C VAL D 149 -48.72 23.11 -9.62
N GLU D 153 -45.11 20.99 -19.29
CA GLU D 153 -43.81 21.65 -19.31
C GLU D 153 -43.12 21.60 -17.93
N ASN D 154 -41.86 21.17 -17.92
CA ASN D 154 -41.06 21.18 -16.70
C ASN D 154 -40.28 22.49 -16.49
N LEU D 155 -40.34 23.02 -15.28
CA LEU D 155 -39.64 24.26 -14.94
C LEU D 155 -38.52 23.93 -13.99
N TYR D 156 -37.34 24.47 -14.29
CA TYR D 156 -36.11 24.24 -13.48
C TYR D 156 -35.82 25.50 -12.62
N PHE D 157 -34.62 25.59 -12.04
CA PHE D 157 -34.22 26.82 -11.34
C PHE D 157 -34.13 27.98 -12.35
N SER E 1 -0.51 -7.87 11.32
CA SER E 1 -1.87 -7.31 11.62
C SER E 1 -2.79 -7.24 10.40
N MET E 2 -4.06 -7.58 10.57
CA MET E 2 -4.99 -7.54 9.45
C MET E 2 -5.60 -6.18 9.26
N ASP E 3 -5.93 -5.89 8.00
CA ASP E 3 -6.57 -4.63 7.61
C ASP E 3 -8.05 -4.87 7.27
N ILE E 4 -8.92 -4.93 8.26
CA ILE E 4 -10.35 -5.21 8.00
C ILE E 4 -11.20 -3.94 8.09
N ASP E 5 -11.97 -3.67 7.03
CA ASP E 5 -12.87 -2.49 6.99
C ASP E 5 -14.24 -3.06 7.21
N PRO E 6 -14.92 -2.68 8.30
CA PRO E 6 -16.21 -3.37 8.53
C PRO E 6 -17.32 -3.04 7.55
N TYR E 7 -17.16 -1.98 6.72
CA TYR E 7 -18.15 -1.63 5.74
C TYR E 7 -17.91 -2.31 4.37
N LYS E 8 -16.77 -2.99 4.23
CA LYS E 8 -16.36 -3.44 2.92
C LYS E 8 -17.31 -4.51 2.30
N GLU E 9 -17.67 -5.56 3.06
CA GLU E 9 -18.64 -6.58 2.61
C GLU E 9 -20.04 -5.99 2.40
N PHE E 10 -20.29 -4.79 2.86
CA PHE E 10 -21.58 -4.16 2.64
C PHE E 10 -21.54 -3.02 1.62
N GLY E 11 -20.45 -2.91 0.87
CA GLY E 11 -20.36 -1.99 -0.23
C GLY E 11 -20.05 -0.57 0.12
N ALA E 12 -19.24 -0.36 1.13
CA ALA E 12 -18.89 1.00 1.54
C ALA E 12 -17.57 0.86 2.24
N THR E 13 -17.15 1.93 2.91
CA THR E 13 -15.84 2.00 3.50
C THR E 13 -15.94 2.96 4.66
N VAL E 14 -14.91 2.93 5.51
CA VAL E 14 -14.78 3.85 6.66
C VAL E 14 -14.73 5.31 6.17
N GLU E 15 -13.99 5.55 5.08
CA GLU E 15 -13.78 6.93 4.56
C GLU E 15 -15.09 7.52 3.97
N LEU E 16 -15.93 6.64 3.46
CA LEU E 16 -17.23 7.01 3.02
C LEU E 16 -18.09 7.50 4.17
N LEU E 17 -18.21 6.72 5.27
CA LEU E 17 -19.00 7.15 6.44
C LEU E 17 -18.43 8.40 7.09
N SER E 18 -17.11 8.60 6.93
CA SER E 18 -16.42 9.76 7.46
C SER E 18 -16.80 11.08 6.76
N PHE E 19 -17.43 11.00 5.60
CA PHE E 19 -17.92 12.18 4.89
C PHE E 19 -19.10 12.81 5.66
N LEU E 20 -19.70 12.05 6.57
CA LEU E 20 -20.80 12.61 7.36
C LEU E 20 -20.27 13.24 8.65
N PRO E 21 -20.71 14.44 8.98
CA PRO E 21 -20.20 15.07 10.19
C PRO E 21 -20.78 14.37 11.43
N SER E 22 -20.07 14.39 12.56
CA SER E 22 -20.56 13.66 13.72
C SER E 22 -22.03 14.04 14.07
N ASP E 23 -22.40 15.31 13.89
CA ASP E 23 -23.70 15.76 14.41
C ASP E 23 -24.88 15.33 13.54
N PHE E 24 -24.58 14.72 12.41
CA PHE E 24 -25.58 14.03 11.62
C PHE E 24 -26.14 12.79 12.33
N PHE E 25 -25.27 12.09 13.06
CA PHE E 25 -25.70 10.82 13.67
C PHE E 25 -26.52 10.91 14.95
N PRO E 26 -27.61 10.07 15.08
CA PRO E 26 -28.29 9.92 16.35
C PRO E 26 -27.30 9.40 17.38
N SER E 27 -27.66 9.51 18.64
CA SER E 27 -26.81 9.07 19.73
C SER E 27 -26.79 7.53 19.73
N VAL E 28 -25.80 6.95 20.40
CA VAL E 28 -25.71 5.50 20.50
C VAL E 28 -26.97 4.95 21.18
N ARG E 29 -27.37 5.56 22.29
CA ARG E 29 -28.57 5.12 23.04
C ARG E 29 -29.86 5.13 22.17
N ASP E 30 -30.01 6.21 21.40
CA ASP E 30 -31.15 6.34 20.51
C ASP E 30 -31.07 5.34 19.38
N LEU E 31 -29.87 5.08 18.89
CA LEU E 31 -29.65 4.02 17.90
C LEU E 31 -29.98 2.61 18.43
N LEU E 32 -29.56 2.31 19.66
CA LEU E 32 -29.85 0.99 20.26
C LEU E 32 -31.32 0.84 20.51
N ASP E 33 -31.89 1.88 21.11
CA ASP E 33 -33.35 1.96 21.30
C ASP E 33 -34.13 1.76 19.99
N THR E 34 -33.64 2.30 18.89
CA THR E 34 -34.27 2.12 17.58
C THR E 34 -34.08 0.73 16.97
N ALA E 35 -32.89 0.13 17.11
CA ALA E 35 -32.68 -1.23 16.67
C ALA E 35 -33.67 -2.15 17.35
N ALA E 36 -33.84 -1.96 18.65
CA ALA E 36 -34.79 -2.75 19.39
C ALA E 36 -36.22 -2.58 18.90
N ALA E 37 -36.68 -1.33 18.76
CA ALA E 37 -38.07 -1.08 18.39
C ALA E 37 -38.43 -1.64 17.03
N LEU E 38 -37.49 -1.57 16.10
CA LEU E 38 -37.70 -2.12 14.75
C LEU E 38 -37.33 -3.60 14.55
N TYR E 39 -36.27 -4.07 15.22
CA TYR E 39 -35.65 -5.35 14.88
C TYR E 39 -35.43 -6.33 16.03
N ARG E 40 -36.00 -6.08 17.22
CA ARG E 40 -35.65 -6.88 18.44
C ARG E 40 -35.83 -8.36 18.14
N ASP E 41 -36.96 -8.75 17.54
N ASP E 41 -37.00 -8.60 17.57
CA ASP E 41 -37.23 -10.20 17.36
CA ASP E 41 -37.49 -9.88 17.12
C ASP E 41 -36.31 -10.81 16.29
C ASP E 41 -36.46 -10.69 16.29
N ALA E 42 -36.00 -10.08 15.22
CA ALA E 42 -35.11 -10.69 14.24
C ALA E 42 -33.66 -10.79 14.78
N LEU E 43 -33.22 -9.78 15.52
CA LEU E 43 -31.89 -9.78 16.15
C LEU E 43 -31.73 -10.84 17.23
N GLU E 44 -32.82 -11.14 17.96
CA GLU E 44 -32.83 -12.20 19.01
C GLU E 44 -33.14 -13.61 18.49
N SER E 45 -33.41 -13.68 17.20
CA SER E 45 -33.74 -14.91 16.48
C SER E 45 -32.58 -15.94 16.36
N PRO E 46 -32.90 -17.25 16.23
CA PRO E 46 -31.86 -18.23 15.86
C PRO E 46 -31.49 -18.24 14.35
N GLU E 47 -32.12 -17.41 13.56
CA GLU E 47 -31.82 -17.36 12.13
C GLU E 47 -30.87 -16.20 11.87
N HIS E 48 -29.94 -16.41 10.96
CA HIS E 48 -29.02 -15.36 10.59
C HIS E 48 -29.78 -14.10 10.09
N CYS E 49 -30.91 -14.32 9.41
CA CYS E 49 -31.74 -13.25 8.83
C CYS E 49 -31.04 -12.53 7.68
N SER E 50 -29.87 -11.91 7.91
CA SER E 50 -29.05 -11.36 6.80
C SER E 50 -27.69 -10.97 7.37
N PRO E 51 -26.68 -10.76 6.50
CA PRO E 51 -25.39 -10.20 6.91
C PRO E 51 -25.49 -8.93 7.73
N HIS E 52 -26.47 -8.07 7.48
CA HIS E 52 -26.63 -6.86 8.28
C HIS E 52 -27.07 -7.17 9.69
N HIS E 53 -27.97 -8.15 9.84
CA HIS E 53 -28.42 -8.57 11.16
C HIS E 53 -27.21 -9.14 11.93
N THR E 54 -26.43 -9.99 11.28
CA THR E 54 -25.24 -10.61 11.90
C THR E 54 -24.27 -9.54 12.43
N ALA E 55 -23.98 -8.53 11.61
CA ALA E 55 -22.99 -7.49 11.99
C ALA E 55 -23.59 -6.60 13.05
N LEU E 56 -24.87 -6.26 12.90
CA LEU E 56 -25.56 -5.40 13.90
C LEU E 56 -25.59 -6.07 15.26
N ARG E 57 -25.89 -7.37 15.33
CA ARG E 57 -25.82 -8.06 16.64
C ARG E 57 -24.45 -7.91 17.31
N GLN E 58 -23.35 -8.12 16.56
CA GLN E 58 -21.98 -7.94 17.14
C GLN E 58 -21.73 -6.46 17.60
N ALA E 59 -22.14 -5.50 16.78
CA ALA E 59 -21.92 -4.09 17.13
C ALA E 59 -22.59 -3.76 18.43
N ILE E 60 -23.80 -4.24 18.58
CA ILE E 60 -24.58 -3.96 19.75
C ILE E 60 -23.87 -4.52 20.99
N LEU E 61 -23.44 -5.76 20.91
CA LEU E 61 -22.69 -6.38 22.00
C LEU E 61 -21.30 -5.75 22.26
N CYS E 62 -20.59 -5.38 21.21
CA CYS E 62 -19.26 -4.74 21.38
C CYS E 62 -19.42 -3.45 22.18
N TRP E 63 -20.41 -2.64 21.81
CA TRP E 63 -20.70 -1.38 22.55
C TRP E 63 -20.89 -1.65 24.04
N GLY E 64 -21.71 -2.64 24.35
CA GLY E 64 -21.89 -3.10 25.72
C GLY E 64 -20.57 -3.41 26.41
N ASP E 65 -19.66 -4.10 25.75
CA ASP E 65 -18.33 -4.34 26.30
C ASP E 65 -17.55 -3.05 26.54
N LEU E 66 -17.58 -2.15 25.57
CA LEU E 66 -16.89 -0.88 25.67
C LEU E 66 -17.43 -0.04 26.82
N MET E 67 -18.74 -0.06 27.04
CA MET E 67 -19.34 0.71 28.12
C MET E 67 -19.02 0.16 29.48
N THR E 68 -19.06 -1.15 29.64
CA THR E 68 -18.63 -1.75 30.90
C THR E 68 -17.22 -1.29 31.28
N LEU E 69 -16.33 -1.20 30.28
CA LEU E 69 -14.97 -0.70 30.48
C LEU E 69 -14.96 0.79 30.78
N ALA E 70 -15.63 1.57 29.94
CA ALA E 70 -15.56 3.03 30.05
C ALA E 70 -16.14 3.59 31.36
N THR E 71 -17.07 2.84 31.96
CA THR E 71 -17.68 3.23 33.22
C THR E 71 -16.76 2.83 34.36
N TRP E 72 -15.87 1.89 34.08
CA TRP E 72 -14.81 1.59 35.01
C TRP E 72 -13.90 2.79 35.23
N ARG E 83 -12.20 12.71 34.91
CA ARG E 83 -13.18 11.69 34.58
C ARG E 83 -13.83 12.00 33.24
N ASP E 84 -14.29 13.24 33.06
CA ASP E 84 -14.94 13.66 31.79
C ASP E 84 -13.93 13.94 30.63
N LEU E 85 -12.63 13.83 30.92
CA LEU E 85 -11.62 13.62 29.88
C LEU E 85 -11.84 12.25 29.19
N VAL E 86 -12.06 11.19 29.98
CA VAL E 86 -12.37 9.86 29.46
C VAL E 86 -13.68 9.80 28.64
N VAL E 87 -14.68 10.58 29.06
CA VAL E 87 -15.98 10.60 28.37
C VAL E 87 -15.92 11.36 27.03
N SER E 88 -15.19 12.47 26.99
CA SER E 88 -15.08 13.23 25.74
C SER E 88 -14.26 12.47 24.68
N TYR E 89 -13.22 11.76 25.11
CA TYR E 89 -12.44 10.89 24.21
C TYR E 89 -13.34 9.80 23.59
N VAL E 90 -14.02 9.06 24.47
CA VAL E 90 -15.02 8.07 24.04
C VAL E 90 -15.95 8.73 23.02
N ASN E 91 -16.75 9.71 23.44
CA ASN E 91 -17.65 10.40 22.49
C ASN E 91 -16.94 10.80 21.18
N THR E 92 -15.74 11.39 21.29
CA THR E 92 -15.08 11.93 20.08
C THR E 92 -14.63 10.83 19.11
N ASN E 93 -14.14 9.72 19.68
CA ASN E 93 -13.53 8.64 18.88
C ASN E 93 -14.37 7.36 18.84
N VAL E 94 -14.32 6.53 19.89
CA VAL E 94 -15.07 5.24 19.91
C VAL E 94 -16.58 5.47 19.73
N GLY E 95 -17.14 6.44 20.45
CA GLY E 95 -18.57 6.75 20.34
C GLY E 95 -18.97 7.07 18.91
N LEU E 96 -18.18 7.88 18.21
CA LEU E 96 -18.52 8.24 16.84
C LEU E 96 -18.43 7.05 15.92
N LYS E 97 -17.41 6.22 16.12
CA LYS E 97 -17.26 5.00 15.31
C LYS E 97 -18.52 4.16 15.39
N PHE E 98 -19.00 3.97 16.61
CA PHE E 98 -20.20 3.14 16.79
C PHE E 98 -21.55 3.78 16.38
N ARG E 99 -21.67 5.08 16.53
CA ARG E 99 -22.79 5.82 15.91
C ARG E 99 -22.86 5.61 14.39
N GLN E 100 -21.72 5.70 13.72
CA GLN E 100 -21.69 5.47 12.26
C GLN E 100 -22.08 4.03 11.91
N LEU E 101 -21.51 3.09 12.68
CA LEU E 101 -21.71 1.66 12.43
C LEU E 101 -23.17 1.23 12.75
N LEU E 102 -23.66 1.60 13.93
CA LEU E 102 -25.05 1.30 14.30
C LEU E 102 -26.07 1.93 13.35
N TRP E 103 -25.87 3.20 12.97
CA TRP E 103 -26.77 3.86 12.01
C TRP E 103 -26.73 3.15 10.68
N PHE E 104 -25.53 2.83 10.22
CA PHE E 104 -25.40 2.30 8.88
C PHE E 104 -26.16 1.01 8.72
N HIS E 105 -25.95 0.10 9.67
CA HIS E 105 -26.69 -1.13 9.69
C HIS E 105 -28.21 -1.01 9.89
N ILE E 106 -28.66 -0.22 10.86
CA ILE E 106 -30.11 -0.12 11.06
C ILE E 106 -30.72 0.59 9.86
N SER E 107 -30.09 1.68 9.35
CA SER E 107 -30.66 2.35 8.18
C SER E 107 -30.68 1.44 6.95
N CYS E 108 -29.64 0.62 6.73
CA CYS E 108 -29.66 -0.31 5.56
C CYS E 108 -30.72 -1.37 5.69
N LEU E 109 -30.92 -1.88 6.89
CA LEU E 109 -32.04 -2.79 7.07
C LEU E 109 -33.41 -2.15 6.73
N THR E 110 -33.53 -0.83 6.94
CA THR E 110 -34.79 -0.14 6.82
C THR E 110 -35.02 0.37 5.41
N PHE E 111 -33.97 0.89 4.77
CA PHE E 111 -34.11 1.49 3.44
C PHE E 111 -33.37 0.79 2.29
N GLY E 112 -32.62 -0.26 2.60
CA GLY E 112 -31.69 -0.89 1.61
C GLY E 112 -30.36 -0.12 1.45
N ARG E 113 -29.26 -0.82 1.07
CA ARG E 113 -27.93 -0.19 0.94
C ARG E 113 -27.88 1.01 -0.03
N GLU E 114 -28.53 0.90 -1.18
CA GLU E 114 -28.43 1.89 -2.24
C GLU E 114 -28.98 3.24 -1.79
N THR E 115 -30.16 3.23 -1.17
CA THR E 115 -30.75 4.43 -0.61
C THR E 115 -29.86 5.07 0.44
N VAL E 116 -29.32 4.26 1.34
CA VAL E 116 -28.50 4.77 2.40
C VAL E 116 -27.26 5.46 1.86
N LEU E 117 -26.59 4.80 0.92
CA LEU E 117 -25.36 5.33 0.33
C LEU E 117 -25.62 6.62 -0.46
N GLU E 118 -26.72 6.66 -1.21
CA GLU E 118 -27.17 7.91 -1.85
C GLU E 118 -27.40 9.05 -0.87
N TYR E 119 -28.12 8.75 0.22
CA TYR E 119 -28.42 9.71 1.27
C TYR E 119 -27.14 10.21 1.95
N LEU E 120 -26.18 9.31 2.14
CA LEU E 120 -24.91 9.70 2.74
C LEU E 120 -24.31 10.84 1.91
N VAL E 121 -24.26 10.64 0.62
CA VAL E 121 -23.71 11.66 -0.29
C VAL E 121 -24.57 12.93 -0.35
N SER E 122 -25.88 12.81 -0.59
CA SER E 122 -26.76 13.99 -0.46
C SER E 122 -26.58 14.85 0.78
N PHE E 123 -26.64 14.25 1.95
CA PHE E 123 -26.49 15.04 3.18
C PHE E 123 -25.08 15.67 3.35
N GLY E 124 -24.02 14.90 3.09
CA GLY E 124 -22.65 15.42 3.23
C GLY E 124 -22.38 16.54 2.21
N VAL E 125 -22.95 16.44 1.03
CA VAL E 125 -22.95 17.59 0.11
C VAL E 125 -23.77 18.80 0.61
N TRP E 126 -25.03 18.58 1.04
CA TRP E 126 -25.85 19.61 1.57
C TRP E 126 -25.21 20.34 2.75
N ILE E 127 -24.71 19.59 3.73
CA ILE E 127 -24.15 20.21 4.91
C ILE E 127 -22.88 21.03 4.61
N ARG E 128 -22.21 20.76 3.50
CA ARG E 128 -21.04 21.50 3.10
C ARG E 128 -21.34 22.72 2.22
N THR E 129 -22.58 22.88 1.81
CA THR E 129 -22.98 24.10 1.13
C THR E 129 -23.20 25.21 2.16
N PRO E 130 -22.71 26.44 1.88
CA PRO E 130 -22.86 27.48 2.87
C PRO E 130 -24.33 27.62 3.24
N PRO E 131 -24.63 27.78 4.55
CA PRO E 131 -26.04 27.80 4.95
C PRO E 131 -26.90 28.83 4.24
N ALA E 132 -26.38 30.02 4.00
CA ALA E 132 -27.21 31.04 3.37
C ALA E 132 -27.54 30.74 1.91
N ALA E 133 -26.83 29.78 1.30
CA ALA E 133 -26.93 29.47 -0.13
C ALA E 133 -27.65 28.18 -0.43
N ARG E 134 -28.09 27.46 0.61
CA ARG E 134 -28.60 26.11 0.44
C ARG E 134 -30.05 26.06 0.86
N PRO E 135 -30.79 25.02 0.46
CA PRO E 135 -32.19 24.89 0.92
C PRO E 135 -32.28 24.84 2.45
N PRO E 136 -33.35 25.37 3.04
CA PRO E 136 -33.40 25.51 4.51
C PRO E 136 -33.43 24.19 5.23
N ASN E 137 -33.92 23.13 4.62
CA ASN E 137 -34.03 21.85 5.34
C ASN E 137 -33.11 20.78 4.72
N ALA E 138 -32.70 19.83 5.52
CA ALA E 138 -31.88 18.73 5.01
C ALA E 138 -32.62 17.83 4.02
N PRO E 139 -31.92 17.10 3.14
CA PRO E 139 -32.67 16.11 2.38
C PRO E 139 -33.20 15.03 3.34
N ILE E 140 -34.22 14.34 2.92
CA ILE E 140 -34.94 13.44 3.77
C ILE E 140 -34.56 12.01 3.38
N LEU E 141 -34.28 11.16 4.37
CA LEU E 141 -34.03 9.76 4.12
C LEU E 141 -35.36 8.99 4.13
N SER E 142 -35.74 8.48 2.97
CA SER E 142 -36.86 7.56 2.83
C SER E 142 -36.68 6.93 1.46
N THR E 143 -37.44 5.90 1.15
CA THR E 143 -37.37 5.34 -0.21
C THR E 143 -38.48 5.88 -1.10
N LEU E 144 -39.45 6.57 -0.52
CA LEU E 144 -40.67 6.97 -1.23
C LEU E 144 -40.43 8.31 -1.89
N PRO E 145 -41.12 8.58 -3.01
CA PRO E 145 -40.94 9.83 -3.76
C PRO E 145 -41.37 11.09 -3.00
N GLU E 146 -40.79 12.22 -3.40
CA GLU E 146 -41.29 13.56 -3.04
C GLU E 146 -42.00 14.14 -4.27
N THR E 147 -41.26 14.24 -5.39
CA THR E 147 -41.78 14.57 -6.75
C THR E 147 -41.88 16.07 -7.01
N THR E 148 -42.07 16.44 -8.31
CA THR E 148 -42.31 17.83 -8.75
C THR E 148 -43.70 18.33 -8.33
N VAL E 149 -43.85 19.66 -8.23
CA VAL E 149 -45.12 20.29 -7.86
C VAL E 149 -46.22 20.14 -8.94
N GLU E 153 -42.51 11.38 -14.04
CA GLU E 153 -41.31 11.03 -13.29
C GLU E 153 -41.54 11.31 -11.81
N ASN E 154 -41.46 10.27 -11.00
CA ASN E 154 -41.34 10.42 -9.55
C ASN E 154 -39.94 10.91 -9.17
N LEU E 155 -39.86 11.94 -8.34
CA LEU E 155 -38.57 12.48 -7.88
C LEU E 155 -38.41 12.19 -6.40
N TYR E 156 -37.25 11.67 -6.04
CA TYR E 156 -36.90 11.33 -4.67
C TYR E 156 -35.92 12.42 -4.17
N PHE E 157 -35.34 12.25 -2.99
CA PHE E 157 -34.49 13.31 -2.43
C PHE E 157 -33.29 13.69 -3.33
N SER F 1 -34.37 -4.03 27.48
CA SER F 1 -33.22 -4.24 26.55
C SER F 1 -33.32 -5.50 25.68
N MET F 2 -32.43 -5.56 24.71
CA MET F 2 -32.34 -6.69 23.86
C MET F 2 -31.47 -7.69 24.63
N ASP F 3 -31.86 -8.96 24.56
CA ASP F 3 -31.10 -10.11 25.12
C ASP F 3 -30.48 -10.83 23.91
N ILE F 4 -29.30 -10.39 23.46
CA ILE F 4 -28.71 -11.00 22.27
C ILE F 4 -27.58 -11.95 22.65
N ASP F 5 -27.63 -13.20 22.17
CA ASP F 5 -26.58 -14.22 22.43
C ASP F 5 -25.88 -14.36 21.11
N PRO F 6 -24.61 -13.98 21.04
CA PRO F 6 -23.87 -14.00 19.75
C PRO F 6 -23.61 -15.37 19.14
N TYR F 7 -23.84 -16.44 19.94
CA TYR F 7 -23.75 -17.82 19.46
C TYR F 7 -25.05 -18.34 18.92
N LYS F 8 -26.16 -17.65 19.20
CA LYS F 8 -27.47 -18.24 18.93
C LYS F 8 -27.69 -18.53 17.43
N GLU F 9 -27.34 -17.59 16.54
CA GLU F 9 -27.56 -17.77 15.11
C GLU F 9 -26.64 -18.85 14.56
N PHE F 10 -25.67 -19.26 15.34
CA PHE F 10 -24.70 -20.24 14.89
C PHE F 10 -24.95 -21.61 15.53
N GLY F 11 -26.12 -21.78 16.16
CA GLY F 11 -26.53 -23.04 16.72
C GLY F 11 -25.85 -23.40 18.02
N ALA F 12 -25.56 -22.43 18.88
CA ALA F 12 -24.98 -22.69 20.19
C ALA F 12 -25.37 -21.56 21.13
N THR F 13 -24.74 -21.49 22.31
CA THR F 13 -25.08 -20.54 23.33
C THR F 13 -23.89 -20.19 24.18
N VAL F 14 -23.99 -19.04 24.87
CA VAL F 14 -22.99 -18.55 25.83
C VAL F 14 -22.75 -19.64 26.91
N GLU F 15 -23.84 -20.26 27.36
CA GLU F 15 -23.76 -21.31 28.39
C GLU F 15 -22.92 -22.51 27.90
N LEU F 16 -23.09 -22.84 26.62
CA LEU F 16 -22.43 -23.98 26.04
C LEU F 16 -20.91 -23.73 25.90
N LEU F 17 -20.51 -22.48 25.60
CA LEU F 17 -19.07 -22.17 25.53
C LEU F 17 -18.48 -22.13 26.94
N SER F 18 -19.30 -21.75 27.93
CA SER F 18 -18.86 -21.73 29.32
C SER F 18 -18.46 -23.11 29.86
N PHE F 19 -18.82 -24.18 29.16
CA PHE F 19 -18.51 -25.54 29.59
C PHE F 19 -17.03 -25.83 29.40
N LEU F 20 -16.36 -25.02 28.56
CA LEU F 20 -14.94 -25.21 28.41
C LEU F 20 -14.19 -24.33 29.41
N PRO F 21 -13.16 -24.86 30.08
CA PRO F 21 -12.54 -23.99 31.02
C PRO F 21 -11.56 -23.01 30.36
N SER F 22 -11.30 -21.90 31.02
CA SER F 22 -10.50 -20.85 30.44
C SER F 22 -9.19 -21.39 29.80
N ASP F 23 -8.52 -22.34 30.46
CA ASP F 23 -7.21 -22.76 29.96
C ASP F 23 -7.25 -23.70 28.74
N PHE F 24 -8.44 -24.07 28.28
CA PHE F 24 -8.63 -24.77 26.99
C PHE F 24 -8.28 -23.84 25.81
N PHE F 25 -8.59 -22.55 25.97
CA PHE F 25 -8.54 -21.63 24.84
C PHE F 25 -7.15 -21.09 24.57
N PRO F 26 -6.78 -20.97 23.28
CA PRO F 26 -5.58 -20.24 22.95
C PRO F 26 -5.75 -18.78 23.33
N SER F 27 -4.64 -18.07 23.38
CA SER F 27 -4.59 -16.67 23.80
C SER F 27 -5.27 -15.83 22.72
N VAL F 28 -5.55 -14.57 22.99
CA VAL F 28 -6.22 -13.75 21.97
C VAL F 28 -5.21 -13.49 20.85
N ARG F 29 -3.99 -13.18 21.21
CA ARG F 29 -2.95 -12.93 20.20
C ARG F 29 -2.80 -14.14 19.22
N ASP F 30 -2.79 -15.34 19.79
CA ASP F 30 -2.58 -16.53 18.99
C ASP F 30 -3.80 -16.78 18.16
N LEU F 31 -4.94 -16.42 18.71
CA LEU F 31 -6.19 -16.54 17.96
C LEU F 31 -6.22 -15.54 16.79
N LEU F 32 -5.86 -14.28 17.04
CA LEU F 32 -5.76 -13.27 15.93
C LEU F 32 -4.70 -13.66 14.83
N ASP F 33 -3.53 -14.09 15.28
CA ASP F 33 -2.50 -14.68 14.37
C ASP F 33 -2.96 -15.83 13.49
N THR F 34 -3.74 -16.73 14.10
CA THR F 34 -4.31 -17.83 13.38
C THR F 34 -5.39 -17.43 12.39
N ALA F 35 -6.34 -16.52 12.76
CA ALA F 35 -7.31 -15.99 11.79
C ALA F 35 -6.57 -15.41 10.61
N ALA F 36 -5.51 -14.67 10.87
CA ALA F 36 -4.72 -14.08 9.80
C ALA F 36 -3.97 -15.12 8.88
N ALA F 37 -3.31 -16.11 9.47
CA ALA F 37 -2.66 -17.13 8.70
C ALA F 37 -3.61 -17.95 7.85
N LEU F 38 -4.76 -18.29 8.41
CA LEU F 38 -5.70 -19.10 7.68
C LEU F 38 -6.70 -18.33 6.80
N TYR F 39 -7.16 -17.15 7.21
CA TYR F 39 -8.33 -16.54 6.55
C TYR F 39 -8.18 -15.11 6.10
N ARG F 40 -6.96 -14.55 6.19
CA ARG F 40 -6.75 -13.10 5.99
C ARG F 40 -7.48 -12.66 4.71
N ASP F 41 -7.30 -13.38 3.61
N ASP F 41 -7.18 -13.43 3.68
CA ASP F 41 -7.87 -12.91 2.34
CA ASP F 41 -7.73 -13.35 2.35
C ASP F 41 -9.39 -12.99 2.32
C ASP F 41 -9.25 -13.10 2.32
N ALA F 42 -9.97 -14.03 2.92
CA ALA F 42 -11.44 -14.01 3.02
C ALA F 42 -11.94 -12.90 3.92
N LEU F 43 -11.21 -12.64 5.01
CA LEU F 43 -11.63 -11.63 5.98
C LEU F 43 -11.51 -10.21 5.41
N GLU F 44 -10.50 -9.97 4.58
CA GLU F 44 -10.28 -8.66 3.95
C GLU F 44 -11.06 -8.48 2.63
N SER F 45 -11.79 -9.51 2.25
CA SER F 45 -12.59 -9.60 1.02
C SER F 45 -13.82 -8.66 0.97
N PRO F 46 -14.23 -8.20 -0.23
CA PRO F 46 -15.52 -7.49 -0.31
C PRO F 46 -16.75 -8.43 -0.32
N GLU F 47 -16.55 -9.74 -0.21
CA GLU F 47 -17.66 -10.70 -0.20
C GLU F 47 -17.95 -11.11 1.24
N HIS F 48 -19.23 -11.26 1.56
CA HIS F 48 -19.62 -11.74 2.87
C HIS F 48 -18.91 -13.05 3.21
N CYS F 49 -18.79 -13.95 2.24
CA CYS F 49 -18.19 -15.29 2.40
C CYS F 49 -19.10 -16.23 3.19
N SER F 50 -19.30 -15.96 4.47
CA SER F 50 -20.32 -16.67 5.24
C SER F 50 -20.65 -15.87 6.48
N PRO F 51 -21.73 -16.22 7.17
CA PRO F 51 -22.05 -15.57 8.43
C PRO F 51 -20.95 -15.61 9.48
N HIS F 52 -20.18 -16.71 9.53
CA HIS F 52 -19.05 -16.79 10.43
C HIS F 52 -17.99 -15.78 10.09
N HIS F 53 -17.73 -15.55 8.82
CA HIS F 53 -16.74 -14.54 8.42
C HIS F 53 -17.18 -13.18 8.86
N THR F 54 -18.45 -12.85 8.58
CA THR F 54 -19.03 -11.57 8.98
C THR F 54 -18.84 -11.34 10.48
N ALA F 55 -19.17 -12.37 11.27
CA ALA F 55 -19.12 -12.27 12.75
C ALA F 55 -17.71 -12.17 13.23
N LEU F 56 -16.84 -13.01 12.67
CA LEU F 56 -15.43 -12.97 12.99
C LEU F 56 -14.77 -11.61 12.72
N ARG F 57 -15.09 -11.00 11.58
CA ARG F 57 -14.59 -9.63 11.32
C ARG F 57 -14.92 -8.65 12.42
N GLN F 58 -16.16 -8.65 12.84
CA GLN F 58 -16.58 -7.72 13.89
C GLN F 58 -15.86 -7.99 15.26
N ALA F 59 -15.70 -9.28 15.62
CA ALA F 59 -14.99 -9.66 16.85
C ALA F 59 -13.54 -9.15 16.81
N ILE F 60 -12.85 -9.40 15.73
CA ILE F 60 -11.46 -8.96 15.55
C ILE F 60 -11.36 -7.46 15.74
N LEU F 61 -12.24 -6.73 15.06
CA LEU F 61 -12.33 -5.28 15.26
C LEU F 61 -12.74 -4.82 16.67
N CYS F 62 -13.74 -5.46 17.27
CA CYS F 62 -14.16 -5.14 18.64
C CYS F 62 -12.98 -5.27 19.61
N TRP F 63 -12.24 -6.37 19.51
CA TRP F 63 -11.05 -6.55 20.36
C TRP F 63 -10.08 -5.37 20.21
N GLY F 64 -9.78 -4.99 18.97
CA GLY F 64 -8.96 -3.79 18.73
C GLY F 64 -9.47 -2.53 19.44
N ASP F 65 -10.80 -2.31 19.39
CA ASP F 65 -11.39 -1.12 20.03
C ASP F 65 -11.12 -1.19 21.52
N LEU F 66 -11.37 -2.35 22.10
CA LEU F 66 -11.13 -2.55 23.51
C LEU F 66 -9.67 -2.21 23.85
N MET F 67 -8.72 -2.76 23.11
CA MET F 67 -7.30 -2.45 23.34
C MET F 67 -6.93 -0.99 23.07
N THR F 68 -7.44 -0.38 22.01
CA THR F 68 -7.14 1.02 21.68
C THR F 68 -7.61 1.95 22.78
N LEU F 69 -8.78 1.66 23.33
CA LEU F 69 -9.34 2.47 24.41
C LEU F 69 -8.50 2.23 25.66
N ALA F 70 -8.44 0.99 26.10
CA ALA F 70 -7.64 0.63 27.29
C ALA F 70 -6.19 1.19 27.27
N THR F 71 -5.55 1.22 26.10
CA THR F 71 -4.23 1.87 25.95
C THR F 71 -4.32 3.40 26.11
N TRP F 72 -5.35 4.00 25.51
CA TRP F 72 -5.70 5.36 25.85
C TRP F 72 -6.25 5.35 27.29
N VAL F 90 -9.36 -6.09 32.49
CA VAL F 90 -9.62 -6.26 31.09
C VAL F 90 -9.21 -7.63 30.60
N ASN F 91 -8.99 -8.56 31.54
CA ASN F 91 -8.35 -9.85 31.26
C ASN F 91 -9.14 -11.09 31.68
N THR F 92 -9.50 -11.17 32.97
CA THR F 92 -10.20 -12.36 33.50
C THR F 92 -11.62 -12.50 32.92
N ASN F 93 -12.24 -11.37 32.59
CA ASN F 93 -13.60 -11.34 32.02
C ASN F 93 -13.65 -11.11 30.52
N VAL F 94 -13.35 -9.87 30.09
CA VAL F 94 -13.37 -9.50 28.65
C VAL F 94 -12.50 -10.45 27.81
N GLY F 95 -11.29 -10.73 28.30
CA GLY F 95 -10.34 -11.53 27.52
C GLY F 95 -10.88 -12.93 27.27
N LEU F 96 -11.50 -13.53 28.28
CA LEU F 96 -12.01 -14.89 28.10
C LEU F 96 -13.18 -14.93 27.13
N LYS F 97 -14.06 -13.93 27.24
CA LYS F 97 -15.19 -13.82 26.33
C LYS F 97 -14.76 -13.81 24.86
N PHE F 98 -13.70 -13.06 24.57
CA PHE F 98 -13.16 -12.99 23.21
C PHE F 98 -12.36 -14.19 22.77
N ARG F 99 -11.59 -14.77 23.66
CA ARG F 99 -10.98 -16.08 23.36
C ARG F 99 -12.04 -17.11 22.95
N GLN F 100 -13.14 -17.18 23.69
CA GLN F 100 -14.23 -18.07 23.37
C GLN F 100 -14.82 -17.81 21.97
N LEU F 101 -15.16 -16.55 21.75
CA LEU F 101 -15.81 -16.10 20.53
C LEU F 101 -14.89 -16.20 19.30
N LEU F 102 -13.66 -15.73 19.41
CA LEU F 102 -12.67 -15.92 18.29
C LEU F 102 -12.42 -17.41 17.98
N TRP F 103 -12.07 -18.17 19.00
CA TRP F 103 -11.86 -19.62 18.85
C TRP F 103 -13.04 -20.26 18.13
N PHE F 104 -14.27 -19.92 18.52
CA PHE F 104 -15.48 -20.57 18.03
C PHE F 104 -15.60 -20.32 16.56
N HIS F 105 -15.48 -19.06 16.17
CA HIS F 105 -15.61 -18.76 14.75
C HIS F 105 -14.50 -19.33 13.92
N ILE F 106 -13.27 -19.19 14.37
N ILE F 106 -13.26 -19.19 14.39
CA ILE F 106 -12.18 -19.71 13.54
CA ILE F 106 -12.10 -19.71 13.63
C ILE F 106 -12.27 -21.24 13.47
C ILE F 106 -12.26 -21.22 13.49
N SER F 107 -12.52 -21.90 14.60
CA SER F 107 -12.77 -23.37 14.57
C SER F 107 -13.89 -23.83 13.70
N CYS F 108 -15.04 -23.15 13.71
CA CYS F 108 -16.14 -23.53 12.79
C CYS F 108 -15.78 -23.37 11.33
N LEU F 109 -15.04 -22.32 10.98
CA LEU F 109 -14.62 -22.14 9.58
C LEU F 109 -13.68 -23.28 9.15
N THR F 110 -12.95 -23.83 10.09
CA THR F 110 -11.95 -24.86 9.76
C THR F 110 -12.57 -26.25 9.75
N PHE F 111 -13.36 -26.58 10.77
CA PHE F 111 -13.89 -27.95 10.95
C PHE F 111 -15.43 -28.11 10.77
N GLY F 112 -16.16 -27.01 10.63
CA GLY F 112 -17.63 -27.01 10.64
C GLY F 112 -18.27 -26.97 12.03
N ARG F 113 -19.49 -26.44 12.11
CA ARG F 113 -20.24 -26.31 13.39
C ARG F 113 -20.41 -27.65 14.16
N GLU F 114 -20.79 -28.71 13.46
CA GLU F 114 -21.12 -29.97 14.13
C GLU F 114 -19.90 -30.57 14.81
N THR F 115 -18.75 -30.55 14.14
CA THR F 115 -17.52 -31.03 14.78
C THR F 115 -17.12 -30.18 15.98
N VAL F 116 -17.22 -28.87 15.83
CA VAL F 116 -16.79 -27.97 16.90
C VAL F 116 -17.67 -28.18 18.13
N LEU F 117 -18.97 -28.26 17.92
CA LEU F 117 -19.91 -28.51 19.02
C LEU F 117 -19.67 -29.88 19.69
N GLU F 118 -19.48 -30.94 18.90
CA GLU F 118 -19.05 -32.24 19.45
C GLU F 118 -17.78 -32.16 20.27
N TYR F 119 -16.75 -31.49 19.74
CA TYR F 119 -15.46 -31.38 20.43
C TYR F 119 -15.62 -30.64 21.74
N LEU F 120 -16.41 -29.58 21.68
CA LEU F 120 -16.77 -28.86 22.86
C LEU F 120 -17.20 -29.75 24.06
N VAL F 121 -18.16 -30.62 23.77
CA VAL F 121 -18.64 -31.58 24.75
C VAL F 121 -17.62 -32.65 25.06
N SER F 122 -16.92 -33.20 24.05
CA SER F 122 -15.84 -34.18 24.36
C SER F 122 -14.76 -33.67 25.33
N PHE F 123 -14.27 -32.45 25.16
CA PHE F 123 -13.21 -31.97 25.98
C PHE F 123 -13.72 -31.57 27.36
N GLY F 124 -14.88 -30.94 27.39
CA GLY F 124 -15.44 -30.51 28.68
C GLY F 124 -15.73 -31.74 29.58
N VAL F 125 -16.12 -32.85 28.98
CA VAL F 125 -16.27 -34.12 29.75
C VAL F 125 -14.91 -34.69 30.11
N TRP F 126 -13.97 -34.72 29.14
CA TRP F 126 -12.63 -35.15 29.48
C TRP F 126 -11.99 -34.38 30.64
N ILE F 127 -12.03 -33.07 30.58
CA ILE F 127 -11.30 -32.26 31.57
C ILE F 127 -11.94 -32.37 32.99
N ARG F 128 -13.22 -32.72 33.04
CA ARG F 128 -13.93 -32.98 34.31
C ARG F 128 -13.78 -34.40 34.85
N THR F 129 -13.14 -35.29 34.13
CA THR F 129 -12.87 -36.63 34.64
C THR F 129 -11.60 -36.54 35.46
N PRO F 130 -11.56 -37.14 36.68
CA PRO F 130 -10.38 -36.99 37.47
C PRO F 130 -9.17 -37.48 36.67
N PRO F 131 -8.04 -36.75 36.75
CA PRO F 131 -6.87 -37.04 35.92
C PRO F 131 -6.35 -38.47 36.05
N ALA F 132 -6.33 -39.05 37.26
CA ALA F 132 -5.80 -40.41 37.39
C ALA F 132 -6.74 -41.49 36.76
N ALA F 133 -7.99 -41.11 36.52
CA ALA F 133 -9.04 -42.02 35.94
C ALA F 133 -9.31 -41.85 34.43
N ARG F 134 -8.65 -40.90 33.77
CA ARG F 134 -8.99 -40.55 32.36
C ARG F 134 -7.80 -40.86 31.45
N PRO F 135 -8.01 -40.97 30.13
CA PRO F 135 -6.87 -41.07 29.22
C PRO F 135 -5.87 -39.91 29.37
N PRO F 136 -4.58 -40.19 29.22
CA PRO F 136 -3.55 -39.18 29.47
C PRO F 136 -3.63 -37.97 28.55
N ASN F 137 -4.16 -38.13 27.34
CA ASN F 137 -4.17 -37.03 26.40
C ASN F 137 -5.59 -36.62 26.08
N ALA F 138 -5.72 -35.35 25.72
CA ALA F 138 -7.02 -34.77 25.41
C ALA F 138 -7.57 -35.35 24.12
N PRO F 139 -8.90 -35.35 23.96
CA PRO F 139 -9.40 -35.69 22.65
C PRO F 139 -8.90 -34.64 21.59
N ILE F 140 -8.90 -35.04 20.32
CA ILE F 140 -8.23 -34.27 19.27
C ILE F 140 -9.28 -33.64 18.39
N LEU F 141 -9.20 -32.33 18.16
CA LEU F 141 -10.10 -31.66 17.23
C LEU F 141 -9.65 -31.92 15.79
N SER F 142 -10.42 -32.70 15.06
CA SER F 142 -10.16 -32.86 13.65
C SER F 142 -11.43 -33.35 13.00
N THR F 143 -11.49 -33.33 11.68
CA THR F 143 -12.59 -33.99 10.98
C THR F 143 -12.25 -35.42 10.57
N LEU F 144 -10.95 -35.76 10.57
CA LEU F 144 -10.45 -36.99 9.94
C LEU F 144 -10.48 -38.12 10.97
N PRO F 145 -10.66 -39.37 10.51
CA PRO F 145 -10.76 -40.50 11.44
C PRO F 145 -9.49 -40.76 12.25
N GLU F 146 -9.63 -41.39 13.41
CA GLU F 146 -8.53 -41.99 14.15
C GLU F 146 -8.61 -43.51 13.93
N THR F 147 -9.77 -44.09 14.26
CA THR F 147 -10.17 -45.50 13.99
C THR F 147 -9.71 -46.48 15.07
N THR F 148 -10.23 -47.73 15.00
CA THR F 148 -9.80 -48.87 15.84
C THR F 148 -8.57 -49.57 15.22
N VAL F 149 -7.82 -50.29 16.05
CA VAL F 149 -6.49 -50.85 15.67
C VAL F 149 -6.46 -51.81 14.46
N GLU F 153 -15.60 -49.48 9.20
CA GLU F 153 -16.09 -48.42 10.10
C GLU F 153 -15.02 -47.50 10.70
N ASN F 154 -15.05 -46.23 10.30
CA ASN F 154 -14.14 -45.21 10.86
C ASN F 154 -14.57 -44.59 12.20
N LEU F 155 -13.63 -44.53 13.15
CA LEU F 155 -13.85 -43.94 14.48
C LEU F 155 -13.12 -42.60 14.61
N TYR F 156 -13.83 -41.62 15.16
CA TYR F 156 -13.31 -40.26 15.36
C TYR F 156 -13.17 -39.99 16.86
N PHE F 157 -12.94 -38.74 17.26
CA PHE F 157 -12.80 -38.41 18.69
C PHE F 157 -14.09 -38.65 19.50
#